data_5VK4
#
_entry.id   5VK4
#
_cell.length_a   54.250
_cell.length_b   79.610
_cell.length_c   150.070
_cell.angle_alpha   90.000
_cell.angle_beta   90.000
_cell.angle_gamma   90.000
#
_symmetry.space_group_name_H-M   'P 21 21 21'
#
loop_
_entity.id
_entity.type
_entity.pdbx_description
1 polymer 'Phosphoribosylformylglycinamidine cyclo-ligase'
2 non-polymer 'PHOSPHOAMINOPHOSPHONIC ACID-ADENYLATE ESTER'
3 non-polymer 'MAGNESIUM ION'
4 water water
#
_entity_poly.entity_id   1
_entity_poly.type   'polypeptide(L)'
_entity_poly.pdbx_seq_one_letter_code
;MAHHHHHHMSTSLSYRDAGVGIDAGDQLVEKIKPFAKRTMRPEVLGDLGGFGALVEIGKKYQNPVLVSGTDGVGTKLKLA
FDWDKHDTVGIDLVAMSVNDILVQGAEPLFFLDYFACGKLDVPRATDVIKGIAQGCEESGCALIGGETAEMPGMYPVGEY
DLAGFAVGVVEKENVITGLSVGAGDMVLGLASNGAHSNGYSLIRKIIERDNPDLDAEFDNGKTLREAVIAPTRLYVKPIL
AALEKFTIKGMAHITGGGITENVPRVLPKNTVAQIDAESWELPKLFQWLQKAGNVETQEMYRTFNCGIGMVVIVAAEDAD
AVRSFLSGQGETVYRLGCIRERQGNEHQTQVA
;
_entity_poly.pdbx_strand_id   A,B
#
# COMPACT_ATOMS: atom_id res chain seq x y z
N ASP A 23 -16.88 -8.18 -16.82
CA ASP A 23 -15.81 -7.19 -16.70
C ASP A 23 -14.44 -7.84 -16.79
N ALA A 24 -13.47 -7.09 -17.31
CA ALA A 24 -12.11 -7.60 -17.40
C ALA A 24 -11.56 -7.88 -16.02
N GLY A 25 -11.69 -6.90 -15.12
CA GLY A 25 -11.18 -7.06 -13.77
C GLY A 25 -11.80 -8.25 -13.06
N ASP A 26 -13.09 -8.49 -13.29
CA ASP A 26 -13.74 -9.66 -12.71
C ASP A 26 -13.15 -10.95 -13.28
N GLN A 27 -12.77 -10.93 -14.56
CA GLN A 27 -12.09 -12.07 -15.16
C GLN A 27 -10.74 -12.30 -14.49
N LEU A 28 -10.01 -11.21 -14.21
CA LEU A 28 -8.70 -11.28 -13.59
C LEU A 28 -8.81 -11.79 -12.16
N VAL A 29 -9.86 -11.36 -11.44
CA VAL A 29 -10.03 -11.77 -10.05
C VAL A 29 -10.16 -13.28 -9.96
N GLU A 30 -10.92 -13.88 -10.87
CA GLU A 30 -11.09 -15.32 -10.82
C GLU A 30 -9.79 -16.04 -11.14
N LYS A 31 -9.02 -15.53 -12.10
CA LYS A 31 -7.78 -16.22 -12.52
C LYS A 31 -6.72 -16.20 -11.43
N ILE A 32 -6.69 -15.18 -10.57
CA ILE A 32 -5.65 -15.11 -9.56
C ILE A 32 -6.04 -15.77 -8.24
N LYS A 33 -7.31 -16.13 -8.05
CA LYS A 33 -7.72 -16.84 -6.83
C LYS A 33 -6.83 -18.04 -6.52
N PRO A 34 -6.48 -18.91 -7.48
CA PRO A 34 -5.52 -19.97 -7.17
C PRO A 34 -4.17 -19.48 -6.69
N PHE A 35 -3.63 -18.43 -7.30
CA PHE A 35 -2.29 -17.98 -6.91
C PHE A 35 -2.29 -17.53 -5.46
N ALA A 36 -3.31 -16.76 -5.06
CA ALA A 36 -3.37 -16.25 -3.69
C ALA A 36 -3.68 -17.36 -2.70
N LYS A 37 -4.53 -18.31 -3.09
CA LYS A 37 -4.94 -19.36 -2.17
C LYS A 37 -3.74 -20.16 -1.66
N ARG A 38 -2.69 -20.28 -2.47
CA ARG A 38 -1.52 -21.02 -2.04
C ARG A 38 -0.64 -20.24 -1.07
N THR A 39 -0.90 -18.96 -0.84
CA THR A 39 -0.12 -18.17 0.10
C THR A 39 -0.76 -18.10 1.48
N MET A 40 -1.93 -18.72 1.67
CA MET A 40 -2.69 -18.52 2.90
C MET A 40 -1.97 -19.15 4.09
N ARG A 41 -2.23 -18.58 5.27
CA ARG A 41 -1.71 -18.96 6.57
C ARG A 41 -2.89 -19.13 7.52
N PRO A 42 -2.71 -19.91 8.60
CA PRO A 42 -3.84 -20.10 9.53
C PRO A 42 -4.35 -18.82 10.15
N GLU A 43 -3.53 -17.77 10.19
CA GLU A 43 -3.94 -16.48 10.73
C GLU A 43 -4.96 -15.77 9.86
N VAL A 44 -5.06 -16.10 8.57
CA VAL A 44 -6.01 -15.42 7.69
C VAL A 44 -7.38 -16.02 7.94
N LEU A 45 -8.32 -15.17 8.34
CA LEU A 45 -9.70 -15.59 8.60
C LEU A 45 -10.60 -15.52 7.38
N GLY A 52 -13.31 -6.12 3.31
CA GLY A 52 -12.03 -6.22 3.99
C GLY A 52 -11.42 -7.62 4.00
N ALA A 53 -10.14 -7.70 4.40
CA ALA A 53 -9.42 -8.96 4.54
C ALA A 53 -8.91 -9.04 5.97
N LEU A 54 -9.30 -10.10 6.68
CA LEU A 54 -9.11 -10.20 8.12
C LEU A 54 -7.94 -11.11 8.46
N VAL A 55 -7.04 -10.63 9.31
CA VAL A 55 -5.87 -11.40 9.74
C VAL A 55 -5.77 -11.35 11.26
N GLU A 56 -5.75 -12.53 11.86
CA GLU A 56 -5.54 -12.71 13.29
C GLU A 56 -4.05 -12.82 13.57
N ILE A 57 -3.62 -12.40 14.76
CA ILE A 57 -2.22 -12.46 15.14
C ILE A 57 -2.04 -13.73 15.95
N GLY A 58 -1.01 -14.52 15.63
CA GLY A 58 -0.80 -15.77 16.32
C GLY A 58 -0.58 -15.55 17.81
N LYS A 59 -1.15 -16.46 18.62
CA LYS A 59 -0.89 -16.38 20.06
C LYS A 59 0.57 -16.68 20.38
N LYS A 60 1.36 -16.98 19.36
CA LYS A 60 2.81 -17.05 19.48
C LYS A 60 3.40 -15.77 20.04
N TYR A 61 2.82 -14.62 19.73
CA TYR A 61 3.36 -13.33 20.17
C TYR A 61 2.64 -12.86 21.42
N GLN A 62 3.42 -12.57 22.46
CA GLN A 62 2.87 -12.08 23.73
C GLN A 62 2.66 -10.57 23.68
N ASN A 63 3.64 -9.85 23.16
CA ASN A 63 3.59 -8.40 23.02
C ASN A 63 3.90 -8.04 21.58
N PRO A 64 2.96 -8.27 20.67
CA PRO A 64 3.25 -8.11 19.24
C PRO A 64 3.41 -6.65 18.83
N VAL A 65 4.42 -6.40 18.01
CA VAL A 65 4.65 -5.11 17.36
C VAL A 65 4.56 -5.33 15.86
N LEU A 66 3.79 -4.49 15.18
CA LEU A 66 3.64 -4.57 13.71
C LEU A 66 4.71 -3.73 13.02
N VAL A 67 5.27 -4.30 11.95
CA VAL A 67 6.29 -3.64 11.12
C VAL A 67 5.80 -3.68 9.68
N SER A 68 5.68 -2.51 9.06
CA SER A 68 5.10 -2.42 7.73
C SER A 68 5.91 -1.48 6.85
N GLY A 69 5.79 -1.70 5.54
CA GLY A 69 6.47 -0.89 4.55
C GLY A 69 5.80 -1.03 3.20
N THR A 70 6.04 -0.02 2.35
CA THR A 70 5.48 0.02 1.01
C THR A 70 6.57 0.34 0.00
N ASP A 71 6.41 -0.20 -1.21
CA ASP A 71 7.40 0.08 -2.23
C ASP A 71 6.85 -0.34 -3.60
N GLY A 72 7.45 0.21 -4.65
CA GLY A 72 7.25 -0.24 -6.00
C GLY A 72 8.47 -0.94 -6.56
N VAL A 73 8.42 -1.21 -7.86
CA VAL A 73 9.53 -1.90 -8.51
C VAL A 73 10.59 -0.94 -9.02
N GLY A 74 10.21 0.32 -9.29
CA GLY A 74 11.17 1.29 -9.82
C GLY A 74 11.27 1.16 -11.33
N THR A 75 12.39 1.67 -11.85
CA THR A 75 12.62 1.66 -13.30
C THR A 75 12.82 0.26 -13.88
N LYS A 76 12.88 -0.79 -13.05
CA LYS A 76 12.96 -2.13 -13.62
C LYS A 76 11.70 -2.47 -14.42
N LEU A 77 10.57 -1.83 -14.12
CA LEU A 77 9.35 -2.04 -14.89
C LEU A 77 9.55 -1.73 -16.36
N LYS A 78 10.43 -0.78 -16.69
CA LYS A 78 10.64 -0.43 -18.09
C LYS A 78 11.22 -1.57 -18.89
N LEU A 79 12.18 -2.31 -18.32
CA LEU A 79 12.67 -3.51 -19.01
C LEU A 79 11.59 -4.57 -19.11
N ALA A 80 10.71 -4.63 -18.12
CA ALA A 80 9.63 -5.60 -18.17
C ALA A 80 8.68 -5.31 -19.32
N PHE A 81 8.36 -4.04 -19.55
CA PHE A 81 7.57 -3.67 -20.73
C PHE A 81 8.33 -4.02 -22.00
N ASP A 82 9.58 -3.53 -22.10
CA ASP A 82 10.34 -3.62 -23.36
C ASP A 82 10.57 -5.06 -23.78
N TRP A 83 10.79 -5.94 -22.81
CA TRP A 83 11.08 -7.34 -23.04
C TRP A 83 9.84 -8.22 -22.91
N ASP A 84 8.70 -7.64 -22.57
CA ASP A 84 7.42 -8.35 -22.40
C ASP A 84 7.57 -9.52 -21.43
N LYS A 85 8.24 -9.26 -20.32
CA LYS A 85 8.51 -10.26 -19.27
C LYS A 85 7.87 -9.78 -17.98
N HIS A 86 6.70 -10.35 -17.64
CA HIS A 86 5.91 -9.85 -16.51
C HIS A 86 5.75 -10.83 -15.37
N ASP A 87 6.30 -12.04 -15.46
CA ASP A 87 6.03 -13.03 -14.43
C ASP A 87 7.03 -13.00 -13.28
N THR A 88 7.97 -12.06 -13.24
CA THR A 88 8.91 -11.96 -12.12
C THR A 88 8.93 -10.62 -11.41
N VAL A 89 8.48 -9.52 -12.03
CA VAL A 89 8.52 -8.23 -11.35
C VAL A 89 7.68 -8.27 -10.08
N GLY A 90 6.72 -9.21 -10.00
CA GLY A 90 5.99 -9.37 -8.77
C GLY A 90 6.83 -9.87 -7.64
N ILE A 91 7.85 -10.69 -7.95
CA ILE A 91 8.78 -11.11 -6.91
C ILE A 91 9.61 -9.93 -6.45
N ASP A 92 10.03 -9.07 -7.39
CA ASP A 92 10.74 -7.85 -7.04
C ASP A 92 9.91 -6.98 -6.11
N LEU A 93 8.62 -6.82 -6.42
CA LEU A 93 7.73 -6.01 -5.61
C LEU A 93 7.69 -6.48 -4.17
N VAL A 94 7.48 -7.78 -3.98
CA VAL A 94 7.33 -8.33 -2.65
C VAL A 94 8.63 -8.20 -1.87
N ALA A 95 9.74 -8.59 -2.50
CA ALA A 95 11.04 -8.55 -1.85
C ALA A 95 11.36 -7.16 -1.35
N MET A 96 10.94 -6.12 -2.09
CA MET A 96 11.28 -4.76 -1.71
C MET A 96 10.70 -4.39 -0.35
N SER A 97 9.57 -4.97 0.03
CA SER A 97 8.91 -4.65 1.29
C SER A 97 9.19 -5.67 2.38
N VAL A 98 9.07 -6.97 2.07
CA VAL A 98 9.29 -7.98 3.10
C VAL A 98 10.75 -7.96 3.57
N ASN A 99 11.70 -7.77 2.65
CA ASN A 99 13.10 -7.65 3.08
C ASN A 99 13.31 -6.39 3.92
N ASP A 100 12.61 -5.30 3.60
CA ASP A 100 12.73 -4.08 4.39
C ASP A 100 12.23 -4.30 5.81
N ILE A 101 11.04 -4.88 5.97
CA ILE A 101 10.53 -5.12 7.32
C ILE A 101 11.33 -6.20 8.03
N LEU A 102 12.04 -7.03 7.29
CA LEU A 102 12.80 -8.12 7.89
C LEU A 102 13.90 -7.62 8.80
N VAL A 103 14.47 -6.44 8.52
CA VAL A 103 15.65 -5.99 9.26
C VAL A 103 15.32 -5.71 10.72
N GLN A 104 14.07 -5.42 11.04
CA GLN A 104 13.67 -5.21 12.43
C GLN A 104 13.36 -6.52 13.16
N GLY A 105 13.52 -7.66 12.50
CA GLY A 105 13.19 -8.93 13.12
C GLY A 105 11.75 -9.37 12.91
N ALA A 106 11.02 -8.73 12.01
CA ALA A 106 9.62 -9.06 11.83
C ALA A 106 9.46 -10.26 10.90
N GLU A 107 8.51 -11.12 11.24
CA GLU A 107 8.08 -12.18 10.33
C GLU A 107 6.98 -11.64 9.44
N PRO A 108 7.17 -11.59 8.12
CA PRO A 108 6.10 -11.12 7.23
C PRO A 108 4.82 -11.92 7.42
N LEU A 109 3.71 -11.22 7.51
CA LEU A 109 2.43 -11.85 7.80
C LEU A 109 1.46 -11.74 6.61
N PHE A 110 1.26 -10.54 6.08
CA PHE A 110 0.37 -10.40 4.94
C PHE A 110 0.82 -9.25 4.04
N PHE A 111 0.29 -9.26 2.84
CA PHE A 111 0.74 -8.41 1.75
C PHE A 111 -0.46 -7.97 0.93
N LEU A 112 -0.44 -6.71 0.49
CA LEU A 112 -1.45 -6.21 -0.44
C LEU A 112 -0.74 -5.53 -1.59
N ASP A 113 -1.31 -5.64 -2.79
CA ASP A 113 -0.73 -4.98 -3.95
C ASP A 113 -1.79 -4.16 -4.66
N TYR A 114 -1.36 -3.04 -5.23
CA TYR A 114 -2.17 -2.12 -6.01
C TYR A 114 -1.60 -2.10 -7.42
N PHE A 115 -2.47 -2.31 -8.41
CA PHE A 115 -2.08 -2.47 -9.81
C PHE A 115 -2.88 -1.46 -10.63
N ALA A 116 -2.18 -0.51 -11.25
CA ALA A 116 -2.83 0.52 -12.06
C ALA A 116 -2.38 0.45 -13.51
N CYS A 117 -3.30 0.73 -14.42
CA CYS A 117 -3.02 0.66 -15.84
C CYS A 117 -4.12 1.42 -16.59
N GLY A 118 -3.97 1.51 -17.91
CA GLY A 118 -4.98 2.16 -18.72
C GLY A 118 -6.10 1.21 -19.10
N LYS A 119 -5.79 0.21 -19.91
CA LYS A 119 -6.73 -0.84 -20.29
C LYS A 119 -6.16 -2.18 -19.82
N LEU A 120 -7.00 -2.97 -19.16
CA LEU A 120 -6.55 -4.19 -18.50
C LEU A 120 -6.31 -5.32 -19.50
N ASP A 121 -5.11 -5.89 -19.45
CA ASP A 121 -4.70 -7.03 -20.28
C ASP A 121 -4.66 -8.24 -19.34
N VAL A 122 -5.71 -9.07 -19.36
CA VAL A 122 -5.85 -10.11 -18.33
C VAL A 122 -4.73 -11.13 -18.36
N PRO A 123 -4.30 -11.67 -19.52
CA PRO A 123 -3.14 -12.57 -19.48
C PRO A 123 -1.89 -11.94 -18.90
N ARG A 124 -1.58 -10.71 -19.28
CA ARG A 124 -0.35 -10.08 -18.78
C ARG A 124 -0.48 -9.68 -17.31
N ALA A 125 -1.66 -9.20 -16.89
CA ALA A 125 -1.86 -8.87 -15.47
C ALA A 125 -1.82 -10.12 -14.60
N THR A 126 -2.44 -11.21 -15.06
CA THR A 126 -2.36 -12.49 -14.37
C THR A 126 -0.92 -12.89 -14.11
N ASP A 127 -0.05 -12.67 -15.09
CA ASP A 127 1.36 -12.99 -14.93
C ASP A 127 1.99 -12.12 -13.85
N VAL A 128 1.69 -10.81 -13.87
CA VAL A 128 2.23 -9.90 -12.88
C VAL A 128 1.84 -10.36 -11.48
N ILE A 129 0.55 -10.62 -11.28
CA ILE A 129 0.08 -10.97 -9.95
C ILE A 129 0.52 -12.38 -9.57
N LYS A 130 0.70 -13.27 -10.55
CA LYS A 130 1.20 -14.60 -10.26
C LYS A 130 2.58 -14.55 -9.61
N GLY A 131 3.45 -13.67 -10.12
CA GLY A 131 4.76 -13.49 -9.50
C GLY A 131 4.66 -12.90 -8.11
N ILE A 132 3.77 -11.92 -7.93
CA ILE A 132 3.52 -11.38 -6.59
C ILE A 132 3.19 -12.50 -5.62
N ALA A 133 2.18 -13.30 -5.97
CA ALA A 133 1.76 -14.39 -5.10
C ALA A 133 2.90 -15.36 -4.87
N GLN A 134 3.71 -15.59 -5.89
CA GLN A 134 4.84 -16.50 -5.75
C GLN A 134 5.84 -15.96 -4.74
N GLY A 135 6.12 -14.65 -4.81
CA GLY A 135 6.99 -14.02 -3.81
C GLY A 135 6.42 -14.08 -2.41
N CYS A 136 5.09 -13.99 -2.27
CA CYS A 136 4.47 -14.11 -0.95
C CYS A 136 4.67 -15.51 -0.38
N GLU A 137 4.51 -16.52 -1.23
CA GLU A 137 4.74 -17.90 -0.79
C GLU A 137 6.15 -18.06 -0.24
N GLU A 138 7.14 -17.51 -0.94
CA GLU A 138 8.53 -17.63 -0.53
C GLU A 138 8.82 -16.86 0.76
N SER A 139 8.04 -15.84 1.06
CA SER A 139 8.21 -15.02 2.25
C SER A 139 7.39 -15.52 3.42
N GLY A 140 6.54 -16.52 3.21
CA GLY A 140 5.67 -17.01 4.24
C GLY A 140 4.52 -16.09 4.62
N CYS A 141 4.24 -15.07 3.82
CA CYS A 141 3.13 -14.16 4.08
C CYS A 141 2.00 -14.42 3.08
N ALA A 142 0.78 -14.13 3.53
CA ALA A 142 -0.41 -14.30 2.71
C ALA A 142 -0.67 -13.06 1.88
N LEU A 143 -1.04 -13.27 0.61
CA LEU A 143 -1.54 -12.21 -0.26
C LEU A 143 -3.05 -12.18 -0.06
N ILE A 144 -3.53 -11.22 0.74
CA ILE A 144 -4.91 -11.26 1.22
C ILE A 144 -5.83 -10.32 0.48
N GLY A 145 -5.31 -9.50 -0.42
CA GLY A 145 -6.18 -8.58 -1.14
C GLY A 145 -5.35 -7.71 -2.06
N GLY A 146 -6.05 -6.84 -2.78
CA GLY A 146 -5.38 -5.89 -3.63
C GLY A 146 -6.37 -5.02 -4.36
N GLU A 147 -5.87 -4.28 -5.33
CA GLU A 147 -6.73 -3.40 -6.10
C GLU A 147 -6.16 -3.29 -7.50
N THR A 148 -7.04 -3.42 -8.49
CA THR A 148 -6.69 -3.27 -9.90
C THR A 148 -7.49 -2.09 -10.43
N ALA A 149 -6.80 -0.98 -10.67
CA ALA A 149 -7.41 0.25 -11.16
C ALA A 149 -7.16 0.40 -12.65
N GLU A 150 -8.23 0.58 -13.42
CA GLU A 150 -8.14 0.94 -14.83
C GLU A 150 -8.40 2.44 -14.98
N MET A 151 -7.39 3.17 -15.42
CA MET A 151 -7.50 4.61 -15.65
C MET A 151 -7.26 4.85 -17.13
N PRO A 152 -8.30 4.72 -17.96
CA PRO A 152 -8.11 4.84 -19.41
C PRO A 152 -7.50 6.18 -19.78
N GLY A 153 -6.34 6.14 -20.42
CA GLY A 153 -5.65 7.33 -20.87
C GLY A 153 -4.49 7.77 -20.00
N MET A 154 -4.44 7.37 -18.73
CA MET A 154 -3.31 7.77 -17.90
C MET A 154 -2.05 6.93 -18.16
N TYR A 155 -2.19 5.75 -18.75
CA TYR A 155 -1.02 4.94 -19.04
C TYR A 155 -0.97 4.56 -20.52
N PRO A 156 0.23 4.52 -21.10
CA PRO A 156 0.35 4.02 -22.47
C PRO A 156 -0.09 2.57 -22.54
N VAL A 157 -0.54 2.16 -23.73
CA VAL A 157 -0.92 0.78 -23.92
C VAL A 157 0.24 -0.12 -23.56
N GLY A 158 -0.02 -1.14 -22.76
CA GLY A 158 0.99 -2.10 -22.38
C GLY A 158 1.72 -1.80 -21.09
N GLU A 159 1.66 -0.56 -20.59
CA GLU A 159 2.39 -0.19 -19.38
C GLU A 159 1.46 -0.13 -18.16
N TYR A 160 2.06 -0.29 -16.99
CA TYR A 160 1.31 -0.33 -15.74
C TYR A 160 2.20 0.14 -14.60
N ASP A 161 1.60 0.28 -13.42
CA ASP A 161 2.28 0.72 -12.22
C ASP A 161 1.93 -0.22 -11.08
N LEU A 162 2.94 -0.55 -10.24
CA LEU A 162 2.77 -1.48 -9.12
C LEU A 162 3.22 -0.85 -7.82
N ALA A 163 2.41 -1.05 -6.78
CA ALA A 163 2.75 -0.70 -5.41
C ALA A 163 2.44 -1.93 -4.56
N GLY A 164 3.33 -2.20 -3.60
CA GLY A 164 3.12 -3.29 -2.67
C GLY A 164 3.16 -2.80 -1.24
N PHE A 165 2.56 -3.57 -0.34
CA PHE A 165 2.39 -3.22 1.06
C PHE A 165 2.53 -4.49 1.90
N ALA A 166 3.48 -4.50 2.82
CA ALA A 166 3.80 -5.68 3.62
C ALA A 166 3.63 -5.38 5.11
N VAL A 167 3.12 -6.36 5.86
CA VAL A 167 2.99 -6.23 7.30
C VAL A 167 3.58 -7.48 7.96
N GLY A 168 4.49 -7.27 8.91
CA GLY A 168 5.04 -8.35 9.71
C GLY A 168 4.86 -8.08 11.20
N VAL A 169 5.19 -9.10 12.00
CA VAL A 169 4.99 -9.07 13.44
C VAL A 169 6.32 -9.42 14.12
N VAL A 170 6.63 -8.73 15.22
CA VAL A 170 7.81 -9.03 16.01
C VAL A 170 7.47 -8.76 17.47
N GLU A 171 8.07 -9.53 18.37
CA GLU A 171 7.89 -9.28 19.79
C GLU A 171 8.65 -8.03 20.22
N LYS A 172 8.02 -7.24 21.10
CA LYS A 172 8.58 -5.95 21.50
C LYS A 172 10.02 -6.08 21.98
N GLU A 173 10.33 -7.12 22.74
CA GLU A 173 11.69 -7.31 23.21
C GLU A 173 12.62 -7.84 22.12
N ASN A 174 12.09 -8.29 20.98
CA ASN A 174 12.90 -8.84 19.92
C ASN A 174 13.15 -7.86 18.78
N VAL A 175 12.63 -6.63 18.90
CA VAL A 175 12.87 -5.62 17.88
C VAL A 175 14.36 -5.43 17.68
N ILE A 176 14.82 -5.53 16.44
CA ILE A 176 16.22 -5.31 16.13
C ILE A 176 16.37 -3.83 15.84
N THR A 177 17.14 -3.12 16.69
CA THR A 177 17.23 -1.68 16.62
C THR A 177 18.60 -1.15 16.25
N GLY A 178 19.64 -1.97 16.32
CA GLY A 178 21.00 -1.52 16.06
C GLY A 178 21.65 -0.79 17.22
N LEU A 179 20.96 -0.58 18.33
CA LEU A 179 21.52 0.22 19.42
C LEU A 179 22.70 -0.46 20.10
N SER A 180 22.78 -1.79 20.03
CA SER A 180 23.89 -2.48 20.67
C SER A 180 25.09 -2.64 19.75
N VAL A 181 25.02 -2.16 18.50
CA VAL A 181 26.16 -2.23 17.61
C VAL A 181 27.31 -1.42 18.19
N GLY A 182 28.47 -2.07 18.35
CA GLY A 182 29.63 -1.43 18.91
C GLY A 182 30.90 -1.94 18.25
N ALA A 183 31.97 -1.17 18.41
CA ALA A 183 33.26 -1.55 17.85
C ALA A 183 33.62 -2.97 18.25
N GLY A 184 34.02 -3.76 17.27
CA GLY A 184 34.31 -5.17 17.48
C GLY A 184 33.30 -6.10 16.87
N ASP A 185 32.13 -5.60 16.45
CA ASP A 185 31.13 -6.46 15.84
C ASP A 185 31.53 -6.76 14.41
N MET A 186 31.25 -7.98 13.96
CA MET A 186 31.65 -8.42 12.63
C MET A 186 30.51 -8.18 11.65
N VAL A 187 30.85 -7.70 10.44
CA VAL A 187 29.90 -7.37 9.40
C VAL A 187 29.86 -8.51 8.39
N LEU A 188 28.73 -9.20 8.30
CA LEU A 188 28.53 -10.27 7.32
C LEU A 188 27.75 -9.77 6.12
N GLY A 189 27.92 -10.46 4.99
CA GLY A 189 27.22 -10.09 3.78
C GLY A 189 26.50 -11.25 3.12
N LEU A 190 25.20 -11.07 2.83
CA LEU A 190 24.41 -12.06 2.11
C LEU A 190 24.40 -11.71 0.63
N ALA A 191 24.76 -12.68 -0.21
CA ALA A 191 24.90 -12.39 -1.63
C ALA A 191 23.54 -12.10 -2.26
N SER A 192 23.56 -11.26 -3.28
CA SER A 192 22.38 -10.87 -4.02
C SER A 192 22.25 -11.69 -5.29
N ASN A 193 21.07 -11.61 -5.92
CA ASN A 193 20.81 -12.33 -7.16
C ASN A 193 21.12 -11.51 -8.40
N GLY A 194 21.54 -10.26 -8.25
CA GLY A 194 21.84 -9.36 -9.34
C GLY A 194 21.59 -7.92 -8.90
N ALA A 195 21.19 -7.08 -9.85
CA ALA A 195 20.94 -5.68 -9.52
C ALA A 195 19.68 -5.48 -8.69
N HIS A 196 18.85 -6.52 -8.54
CA HIS A 196 17.62 -6.48 -7.76
C HIS A 196 16.63 -5.44 -8.32
N SER A 197 16.40 -4.33 -7.62
CA SER A 197 15.40 -3.36 -8.05
C SER A 197 15.93 -1.93 -8.07
N ASN A 198 17.24 -1.73 -8.08
CA ASN A 198 17.78 -0.38 -8.01
C ASN A 198 18.90 -0.24 -9.03
N GLY A 199 19.03 0.96 -9.59
CA GLY A 199 20.03 1.24 -10.60
C GLY A 199 19.69 0.82 -12.01
N TYR A 200 18.40 0.68 -12.35
CA TYR A 200 18.02 0.20 -13.67
C TYR A 200 17.91 1.31 -14.71
N SER A 201 17.77 2.57 -14.28
CA SER A 201 17.88 3.66 -15.23
C SER A 201 19.25 3.65 -15.90
N LEU A 202 20.29 3.30 -15.14
CA LEU A 202 21.62 3.22 -15.73
C LEU A 202 21.76 1.97 -16.57
N ILE A 203 21.26 0.84 -16.08
CA ILE A 203 21.31 -0.40 -16.86
C ILE A 203 20.61 -0.21 -18.20
N ARG A 204 19.52 0.56 -18.22
CA ARG A 204 18.79 0.73 -19.46
C ARG A 204 19.51 1.68 -20.41
N LYS A 205 20.03 2.80 -19.91
CA LYS A 205 20.78 3.71 -20.76
C LYS A 205 21.95 3.00 -21.42
N ILE A 206 22.65 2.15 -20.66
CA ILE A 206 23.80 1.41 -21.18
C ILE A 206 23.36 0.48 -22.31
N ILE A 207 22.30 -0.30 -22.08
CA ILE A 207 21.87 -1.29 -23.05
C ILE A 207 21.42 -0.62 -24.34
N GLU A 208 20.74 0.53 -24.23
CA GLU A 208 20.34 1.28 -25.41
C GLU A 208 21.52 1.91 -26.12
N ARG A 209 22.65 2.08 -25.43
CA ARG A 209 23.84 2.69 -26.00
C ARG A 209 24.77 1.65 -26.64
N ASP A 210 24.91 0.46 -26.04
CA ASP A 210 25.79 -0.56 -26.58
C ASP A 210 25.09 -1.55 -27.49
N ASN A 211 23.76 -1.65 -27.43
CA ASN A 211 22.97 -2.69 -28.10
C ASN A 211 23.67 -4.05 -27.96
N PRO A 212 23.94 -4.50 -26.73
CA PRO A 212 24.71 -5.73 -26.54
C PRO A 212 23.90 -6.96 -26.89
N ASP A 213 24.61 -8.02 -27.25
CA ASP A 213 23.97 -9.29 -27.52
C ASP A 213 23.35 -9.80 -26.23
N LEU A 214 22.08 -9.47 -26.00
CA LEU A 214 21.42 -9.78 -24.74
C LEU A 214 21.12 -11.26 -24.59
N ASP A 215 21.21 -12.03 -25.66
CA ASP A 215 20.82 -13.43 -25.60
C ASP A 215 22.02 -14.37 -25.64
N ALA A 216 23.23 -13.84 -25.48
CA ALA A 216 24.43 -14.64 -25.40
C ALA A 216 24.68 -15.08 -23.96
N GLU A 217 25.38 -16.19 -23.80
CA GLU A 217 25.78 -16.64 -22.47
C GLU A 217 26.61 -15.57 -21.78
N PHE A 218 26.27 -15.27 -20.53
CA PHE A 218 26.93 -14.18 -19.82
C PHE A 218 27.62 -14.64 -18.55
N ASP A 219 26.95 -15.47 -17.74
CA ASP A 219 27.52 -15.88 -16.46
C ASP A 219 26.67 -16.99 -15.87
N ASN A 220 27.33 -17.98 -15.27
CA ASN A 220 26.66 -19.06 -14.53
C ASN A 220 25.55 -19.70 -15.34
N GLY A 221 25.76 -19.81 -16.65
CA GLY A 221 24.76 -20.38 -17.53
C GLY A 221 23.48 -19.58 -17.64
N LYS A 222 23.57 -18.26 -17.58
CA LYS A 222 22.42 -17.39 -17.79
C LYS A 222 22.80 -16.35 -18.84
N THR A 223 21.85 -16.04 -19.73
CA THR A 223 22.11 -15.03 -20.73
C THR A 223 22.16 -13.65 -20.08
N LEU A 224 22.75 -12.68 -20.77
CA LEU A 224 22.85 -11.34 -20.21
C LEU A 224 21.47 -10.80 -19.85
N ARG A 225 20.48 -11.07 -20.70
CA ARG A 225 19.12 -10.66 -20.40
C ARG A 225 18.62 -11.33 -19.12
N GLU A 226 18.84 -12.63 -19.01
CA GLU A 226 18.42 -13.37 -17.81
C GLU A 226 19.07 -12.81 -16.55
N ALA A 227 20.33 -12.40 -16.64
CA ALA A 227 21.02 -11.84 -15.48
C ALA A 227 20.50 -10.46 -15.12
N VAL A 228 20.06 -9.68 -16.12
CA VAL A 228 19.64 -8.32 -15.85
C VAL A 228 18.27 -8.30 -15.19
N ILE A 229 17.34 -9.13 -15.64
CA ILE A 229 15.98 -9.07 -15.14
C ILE A 229 15.74 -10.11 -14.04
N ALA A 230 16.79 -10.77 -13.57
CA ALA A 230 16.68 -11.77 -12.50
C ALA A 230 15.95 -11.16 -11.30
N PRO A 231 14.96 -11.86 -10.74
CA PRO A 231 14.19 -11.29 -9.63
C PRO A 231 15.04 -11.11 -8.37
N THR A 232 14.65 -10.11 -7.60
CA THR A 232 15.28 -9.83 -6.31
C THR A 232 15.24 -11.03 -5.38
N ARG A 233 16.33 -11.24 -4.66
CA ARG A 233 16.40 -12.34 -3.70
C ARG A 233 15.65 -12.02 -2.42
N LEU A 234 14.93 -13.02 -1.89
CA LEU A 234 14.25 -12.94 -0.61
C LEU A 234 15.13 -13.55 0.47
N TYR A 235 15.27 -12.84 1.59
CA TYR A 235 16.11 -13.30 2.70
C TYR A 235 15.29 -13.75 3.89
N VAL A 236 13.96 -13.86 3.73
CA VAL A 236 13.07 -13.99 4.87
C VAL A 236 13.28 -15.32 5.59
N LYS A 237 13.15 -16.43 4.88
CA LYS A 237 13.21 -17.72 5.54
C LYS A 237 14.55 -17.97 6.24
N PRO A 238 15.71 -17.79 5.62
CA PRO A 238 16.95 -18.09 6.36
C PRO A 238 17.21 -17.13 7.51
N ILE A 239 16.90 -15.85 7.35
CA ILE A 239 17.12 -14.89 8.42
C ILE A 239 16.23 -15.21 9.62
N LEU A 240 14.97 -15.59 9.35
CA LEU A 240 14.07 -15.92 10.46
C LEU A 240 14.51 -17.19 11.16
N ALA A 241 14.94 -18.20 10.40
CA ALA A 241 15.47 -19.41 11.01
C ALA A 241 16.71 -19.10 11.84
N ALA A 242 17.55 -18.18 11.35
CA ALA A 242 18.71 -17.74 12.11
C ALA A 242 18.30 -17.09 13.44
N LEU A 243 17.26 -16.24 13.41
CA LEU A 243 16.87 -15.54 14.64
C LEU A 243 16.36 -16.51 15.70
N GLU A 244 15.98 -17.72 15.32
CA GLU A 244 15.58 -18.70 16.32
C GLU A 244 16.76 -19.12 17.18
N LYS A 245 17.98 -19.09 16.62
CA LYS A 245 19.17 -19.57 17.30
C LYS A 245 20.17 -18.50 17.69
N PHE A 246 20.14 -17.32 17.06
CA PHE A 246 21.15 -16.31 17.32
C PHE A 246 20.51 -14.94 17.47
N THR A 247 21.29 -14.02 18.07
CA THR A 247 20.94 -12.63 18.18
C THR A 247 21.64 -11.85 17.07
N ILE A 248 20.86 -11.14 16.28
CA ILE A 248 21.39 -10.29 15.22
C ILE A 248 21.31 -8.86 15.72
N LYS A 249 22.45 -8.17 15.71
CA LYS A 249 22.50 -6.85 16.31
C LYS A 249 21.92 -5.80 15.39
N GLY A 250 22.05 -5.98 14.08
CA GLY A 250 21.46 -5.07 13.13
C GLY A 250 21.44 -5.68 11.76
N MET A 251 20.63 -5.09 10.89
CA MET A 251 20.53 -5.51 9.50
C MET A 251 20.30 -4.30 8.61
N ALA A 252 20.78 -4.38 7.38
CA ALA A 252 20.48 -3.38 6.35
C ALA A 252 20.17 -4.08 5.03
N HIS A 253 19.05 -3.70 4.44
CA HIS A 253 18.67 -4.18 3.10
C HIS A 253 19.25 -3.24 2.06
N ILE A 254 19.98 -3.80 1.09
CA ILE A 254 20.76 -2.98 0.18
C ILE A 254 19.91 -2.69 -1.05
N THR A 255 19.35 -1.49 -1.07
CA THR A 255 18.47 -1.02 -2.14
C THR A 255 18.95 0.31 -2.69
N GLY A 256 18.11 1.34 -2.67
CA GLY A 256 18.51 2.62 -3.21
C GLY A 256 19.66 3.24 -2.44
N GLY A 257 20.69 3.68 -3.15
CA GLY A 257 21.88 4.19 -2.50
C GLY A 257 22.98 3.16 -2.27
N GLY A 258 22.76 1.92 -2.68
CA GLY A 258 23.83 0.93 -2.63
C GLY A 258 24.26 0.58 -1.21
N ILE A 259 25.49 0.08 -1.12
CA ILE A 259 26.00 -0.38 0.16
C ILE A 259 26.27 0.79 1.09
N THR A 260 26.99 1.81 0.62
CA THR A 260 27.52 2.81 1.53
C THR A 260 26.45 3.74 2.08
N GLU A 261 25.33 3.90 1.40
CA GLU A 261 24.28 4.76 1.92
C GLU A 261 23.21 4.02 2.71
N ASN A 262 23.21 2.69 2.67
CA ASN A 262 22.19 1.91 3.37
C ASN A 262 22.66 1.30 4.68
N VAL A 263 23.92 0.86 4.78
CA VAL A 263 24.40 0.27 6.04
C VAL A 263 24.37 1.26 7.20
N PRO A 264 24.71 2.55 7.03
CA PRO A 264 24.71 3.46 8.19
C PRO A 264 23.34 3.71 8.82
N ARG A 265 22.25 3.17 8.28
CA ARG A 265 20.93 3.41 8.87
C ARG A 265 20.76 2.70 10.21
N VAL A 266 21.45 1.57 10.44
CA VAL A 266 21.36 0.88 11.71
C VAL A 266 22.59 1.12 12.58
N LEU A 267 23.50 2.01 12.16
CA LEU A 267 24.73 2.16 12.95
C LEU A 267 24.58 3.31 13.94
N PRO A 268 24.98 3.11 15.19
CA PRO A 268 25.03 4.24 16.13
C PRO A 268 25.94 5.36 15.61
N LYS A 269 25.65 6.57 16.08
CA LYS A 269 26.35 7.77 15.63
C LYS A 269 27.86 7.66 15.73
N ASN A 270 28.36 6.84 16.65
CA ASN A 270 29.79 6.79 16.95
C ASN A 270 30.50 5.62 16.31
N THR A 271 29.83 4.88 15.42
CA THR A 271 30.43 3.70 14.81
C THR A 271 30.56 3.88 13.31
N VAL A 272 31.49 3.11 12.76
CA VAL A 272 31.76 3.06 11.32
C VAL A 272 31.81 1.60 10.91
N ALA A 273 31.27 1.29 9.75
CA ALA A 273 31.35 -0.05 9.18
C ALA A 273 32.45 -0.04 8.13
N GLN A 274 33.56 -0.70 8.44
CA GLN A 274 34.70 -0.75 7.53
C GLN A 274 34.60 -2.03 6.70
N ILE A 275 34.50 -1.86 5.39
CA ILE A 275 34.32 -2.98 4.46
C ILE A 275 35.63 -3.19 3.71
N ASP A 276 36.16 -4.41 3.81
CA ASP A 276 37.29 -4.83 2.99
C ASP A 276 36.80 -5.15 1.58
N ALA A 277 37.29 -4.41 0.59
CA ALA A 277 36.78 -4.58 -0.77
C ALA A 277 37.13 -5.96 -1.32
N GLU A 278 38.20 -6.57 -0.85
CA GLU A 278 38.67 -7.86 -1.35
C GLU A 278 38.01 -9.04 -0.64
N SER A 279 37.04 -8.80 0.23
CA SER A 279 36.37 -9.89 0.92
C SER A 279 35.31 -10.57 0.06
N TRP A 280 34.98 -10.01 -1.10
CA TRP A 280 34.05 -10.68 -2.01
C TRP A 280 34.35 -10.19 -3.42
N GLU A 281 34.20 -11.09 -4.40
CA GLU A 281 34.43 -10.72 -5.78
C GLU A 281 33.19 -10.03 -6.34
N LEU A 282 33.41 -8.92 -7.02
CA LEU A 282 32.36 -8.23 -7.73
C LEU A 282 31.77 -9.17 -8.79
N PRO A 283 30.47 -9.46 -8.75
CA PRO A 283 29.89 -10.35 -9.75
C PRO A 283 30.05 -9.79 -11.16
N LYS A 284 29.97 -10.69 -12.14
CA LYS A 284 30.21 -10.31 -13.53
C LYS A 284 29.26 -9.20 -13.99
N LEU A 285 27.99 -9.27 -13.58
CA LEU A 285 27.01 -8.30 -14.02
C LEU A 285 27.43 -6.87 -13.69
N PHE A 286 27.93 -6.66 -12.46
CA PHE A 286 28.36 -5.34 -12.04
C PHE A 286 29.71 -4.98 -12.65
N GLN A 287 30.55 -5.98 -12.92
CA GLN A 287 31.79 -5.74 -13.64
C GLN A 287 31.49 -5.17 -15.03
N TRP A 288 30.46 -5.71 -15.70
CA TRP A 288 30.07 -5.17 -17.00
C TRP A 288 29.52 -3.75 -16.87
N LEU A 289 28.71 -3.49 -15.84
CA LEU A 289 28.06 -2.19 -15.74
C LEU A 289 29.07 -1.08 -15.47
N GLN A 290 30.07 -1.32 -14.62
CA GLN A 290 31.07 -0.29 -14.37
C GLN A 290 31.91 -0.03 -15.60
N LYS A 291 32.33 -1.09 -16.29
CA LYS A 291 33.13 -0.92 -17.50
C LYS A 291 32.35 -0.13 -18.54
N ALA A 292 31.15 -0.60 -18.88
CA ALA A 292 30.34 0.10 -19.88
C ALA A 292 29.92 1.47 -19.40
N GLY A 293 29.61 1.60 -18.11
CA GLY A 293 29.18 2.89 -17.60
C GLY A 293 30.30 3.85 -17.25
N ASN A 294 31.53 3.36 -17.15
CA ASN A 294 32.68 4.18 -16.78
C ASN A 294 32.41 4.96 -15.49
N VAL A 295 32.14 4.20 -14.43
CA VAL A 295 31.70 4.72 -13.14
C VAL A 295 32.85 4.61 -12.17
N GLU A 296 33.15 5.71 -11.47
CA GLU A 296 34.13 5.65 -10.40
C GLU A 296 33.69 4.59 -9.40
N THR A 297 34.65 3.85 -8.86
CA THR A 297 34.31 2.69 -8.05
C THR A 297 33.45 3.09 -6.84
N GLN A 298 33.77 4.22 -6.21
CA GLN A 298 32.98 4.65 -5.06
C GLN A 298 31.58 5.11 -5.46
N GLU A 299 31.37 5.47 -6.73
CA GLU A 299 30.01 5.72 -7.17
C GLU A 299 29.24 4.41 -7.36
N MET A 300 29.95 3.34 -7.70
CA MET A 300 29.31 2.02 -7.78
C MET A 300 28.83 1.55 -6.42
N TYR A 301 29.66 1.70 -5.38
CA TYR A 301 29.28 1.27 -4.04
C TYR A 301 28.09 2.05 -3.49
N ARG A 302 27.75 3.19 -4.09
CA ARG A 302 26.63 4.01 -3.66
C ARG A 302 25.46 3.97 -4.63
N THR A 303 25.48 3.05 -5.60
CA THR A 303 24.46 3.00 -6.64
C THR A 303 23.90 1.58 -6.77
N PHE A 304 24.78 0.60 -6.94
CA PHE A 304 24.38 -0.79 -7.08
C PHE A 304 24.71 -1.54 -5.80
N ASN A 305 24.01 -2.65 -5.57
CA ASN A 305 24.35 -3.43 -4.39
C ASN A 305 25.66 -4.20 -4.56
N CYS A 306 26.18 -4.26 -5.78
CA CYS A 306 27.52 -4.81 -6.08
C CYS A 306 27.66 -6.26 -5.62
N GLY A 307 26.55 -6.97 -5.53
CA GLY A 307 26.55 -8.36 -5.11
C GLY A 307 26.19 -8.58 -3.67
N ILE A 308 25.87 -7.54 -2.91
CA ILE A 308 25.54 -7.67 -1.48
C ILE A 308 24.09 -7.22 -1.30
N GLY A 309 23.20 -8.19 -1.06
CA GLY A 309 21.80 -7.85 -0.95
C GLY A 309 21.38 -7.47 0.46
N MET A 310 22.00 -8.13 1.44
CA MET A 310 21.63 -7.93 2.84
C MET A 310 22.89 -7.96 3.70
N VAL A 311 23.01 -6.97 4.59
CA VAL A 311 24.11 -6.89 5.54
C VAL A 311 23.57 -7.26 6.92
N VAL A 312 24.28 -8.17 7.58
CA VAL A 312 23.93 -8.67 8.90
C VAL A 312 25.10 -8.33 9.83
N ILE A 313 24.83 -7.58 10.90
CA ILE A 313 25.84 -7.30 11.92
C ILE A 313 25.56 -8.17 13.13
N VAL A 314 26.60 -8.86 13.62
CA VAL A 314 26.48 -9.74 14.77
C VAL A 314 27.68 -9.53 15.67
N ALA A 315 27.58 -10.05 16.89
CA ALA A 315 28.73 -10.05 17.78
C ALA A 315 29.84 -10.93 17.19
N ALA A 316 31.08 -10.50 17.40
CA ALA A 316 32.21 -11.25 16.87
C ALA A 316 32.23 -12.69 17.39
N GLU A 317 31.82 -12.87 18.66
CA GLU A 317 31.78 -14.21 19.24
C GLU A 317 30.73 -15.07 18.54
N ASP A 318 29.74 -14.46 17.89
CA ASP A 318 28.75 -15.23 17.15
C ASP A 318 29.04 -15.27 15.66
N ALA A 319 30.02 -14.50 15.17
CA ALA A 319 30.16 -14.30 13.74
C ALA A 319 30.37 -15.60 12.98
N ASP A 320 31.20 -16.50 13.50
CA ASP A 320 31.46 -17.75 12.80
C ASP A 320 30.23 -18.63 12.78
N ALA A 321 29.57 -18.79 13.94
CA ALA A 321 28.42 -19.68 14.02
C ALA A 321 27.28 -19.21 13.13
N VAL A 322 27.05 -17.90 13.06
CA VAL A 322 26.00 -17.37 12.18
C VAL A 322 26.37 -17.61 10.72
N ARG A 323 27.61 -17.31 10.34
CA ARG A 323 28.03 -17.50 8.95
C ARG A 323 27.80 -18.93 8.48
N SER A 324 28.12 -19.91 9.33
CA SER A 324 27.89 -21.30 8.95
C SER A 324 26.40 -21.56 8.78
N PHE A 325 25.58 -21.05 9.69
CA PHE A 325 24.14 -21.29 9.59
C PHE A 325 23.58 -20.71 8.31
N LEU A 326 23.87 -19.43 8.06
CA LEU A 326 23.34 -18.79 6.86
C LEU A 326 23.88 -19.45 5.59
N SER A 327 25.12 -19.94 5.63
CA SER A 327 25.61 -20.66 4.47
C SER A 327 24.88 -22.00 4.32
N GLY A 328 24.62 -22.67 5.45
CA GLY A 328 23.90 -23.92 5.43
C GLY A 328 22.43 -23.78 5.07
N GLN A 329 21.90 -22.57 5.14
CA GLN A 329 20.53 -22.32 4.70
C GLN A 329 20.44 -22.09 3.19
N GLY A 330 21.57 -21.97 2.50
CA GLY A 330 21.57 -21.77 1.07
C GLY A 330 22.09 -20.43 0.63
N GLU A 331 22.53 -19.59 1.56
CA GLU A 331 22.99 -18.25 1.23
C GLU A 331 24.50 -18.27 1.02
N THR A 332 25.00 -17.27 0.31
CA THR A 332 26.42 -17.08 0.13
C THR A 332 26.84 -15.94 1.05
N VAL A 333 27.64 -16.25 2.05
CA VAL A 333 27.96 -15.32 3.13
C VAL A 333 29.40 -14.88 3.00
N TYR A 334 29.64 -13.58 3.09
CA TYR A 334 30.98 -13.02 3.13
C TYR A 334 31.23 -12.36 4.48
N ARG A 335 32.50 -12.28 4.87
CA ARG A 335 32.91 -11.51 6.04
C ARG A 335 33.41 -10.17 5.53
N LEU A 336 32.49 -9.20 5.44
CA LEU A 336 32.80 -7.93 4.80
C LEU A 336 33.74 -7.07 5.63
N GLY A 337 33.67 -7.14 6.95
CA GLY A 337 34.52 -6.34 7.79
C GLY A 337 34.03 -6.32 9.22
N CYS A 338 34.19 -5.19 9.90
CA CYS A 338 33.79 -5.08 11.29
C CYS A 338 33.42 -3.62 11.60
N ILE A 339 32.96 -3.41 12.82
CA ILE A 339 32.55 -2.10 13.30
C ILE A 339 33.71 -1.50 14.09
N ARG A 340 33.98 -0.21 13.90
CA ARG A 340 35.03 0.49 14.61
C ARG A 340 34.52 1.85 15.10
N GLU A 341 35.30 2.48 15.98
CA GLU A 341 34.92 3.78 16.52
C GLU A 341 35.06 4.86 15.45
N ARG A 342 34.05 5.72 15.35
CA ARG A 342 34.05 6.79 14.36
C ARG A 342 35.00 7.91 14.75
N GLN A 343 35.58 8.56 13.75
CA GLN A 343 36.50 9.68 13.97
C GLN A 343 35.88 10.91 13.32
N GLY A 344 35.11 11.66 14.10
CA GLY A 344 34.58 12.92 13.64
C GLY A 344 33.38 12.77 12.72
N ASN A 345 33.33 13.60 11.68
CA ASN A 345 32.31 13.51 10.65
C ASN A 345 32.58 12.39 9.65
N GLU A 346 33.48 11.46 10.02
CA GLU A 346 33.82 10.30 9.21
C GLU A 346 32.58 9.63 8.66
N HIS A 347 32.64 9.24 7.39
CA HIS A 347 31.51 8.52 6.82
C HIS A 347 31.33 7.19 7.52
N GLN A 348 30.07 6.81 7.76
CA GLN A 348 29.79 5.67 8.61
C GLN A 348 29.90 4.33 7.88
N THR A 349 30.11 4.32 6.57
CA THR A 349 30.35 3.08 5.86
C THR A 349 31.34 3.35 4.75
N GLN A 350 32.53 2.75 4.87
CA GLN A 350 33.61 2.94 3.94
C GLN A 350 34.06 1.60 3.41
N VAL A 351 34.20 1.51 2.09
CA VAL A 351 34.60 0.28 1.43
C VAL A 351 35.99 0.52 0.86
N ALA A 352 36.96 -0.25 1.34
CA ALA A 352 38.34 -0.10 0.89
C ALA A 352 39.17 -1.32 1.28
N ASP B 23 18.66 15.30 -3.31
CA ASP B 23 17.61 14.63 -4.07
C ASP B 23 16.24 15.25 -3.82
N ALA B 24 15.39 15.23 -4.85
CA ALA B 24 14.04 15.78 -4.72
C ALA B 24 13.23 15.04 -3.68
N GLY B 25 13.22 13.70 -3.76
CA GLY B 25 12.46 12.92 -2.80
C GLY B 25 12.93 13.12 -1.37
N ASP B 26 14.23 13.28 -1.16
CA ASP B 26 14.72 13.58 0.18
C ASP B 26 14.19 14.93 0.64
N GLN B 27 14.07 15.89 -0.29
CA GLN B 27 13.45 17.17 -0.01
C GLN B 27 11.97 17.02 0.36
N LEU B 28 11.26 16.15 -0.36
CA LEU B 28 9.84 15.98 -0.10
C LEU B 28 9.59 15.35 1.26
N VAL B 29 10.42 14.38 1.65
CA VAL B 29 10.23 13.71 2.95
C VAL B 29 10.34 14.73 4.08
N GLU B 30 11.30 15.65 3.98
CA GLU B 30 11.47 16.68 4.99
C GLU B 30 10.27 17.61 5.06
N LYS B 31 9.71 17.97 3.91
CA LYS B 31 8.60 18.91 3.93
C LYS B 31 7.33 18.29 4.52
N ILE B 32 7.15 16.97 4.39
CA ILE B 32 5.92 16.33 4.86
C ILE B 32 6.02 15.81 6.29
N LYS B 33 7.23 15.70 6.83
CA LYS B 33 7.38 15.24 8.22
C LYS B 33 6.53 16.01 9.22
N PRO B 34 6.40 17.34 9.16
CA PRO B 34 5.47 18.02 10.08
C PRO B 34 4.04 17.53 9.94
N PHE B 35 3.59 17.32 8.69
CA PHE B 35 2.21 16.92 8.46
C PHE B 35 1.92 15.56 9.08
N ALA B 36 2.85 14.62 8.91
CA ALA B 36 2.65 13.29 9.47
C ALA B 36 2.75 13.31 10.99
N LYS B 37 3.64 14.14 11.54
CA LYS B 37 3.81 14.18 12.98
C LYS B 37 2.53 14.59 13.69
N ARG B 38 1.67 15.36 13.02
CA ARG B 38 0.40 15.73 13.64
C ARG B 38 -0.64 14.61 13.59
N THR B 39 -0.35 13.49 12.91
CA THR B 39 -1.25 12.35 12.86
C THR B 39 -0.90 11.26 13.87
N MET B 40 0.12 11.46 14.69
CA MET B 40 0.66 10.36 15.49
C MET B 40 -0.30 9.93 16.60
N ARG B 41 -0.15 8.67 17.00
CA ARG B 41 -0.88 8.01 18.06
C ARG B 41 0.11 7.38 19.02
N PRO B 42 -0.29 7.13 20.27
CA PRO B 42 0.65 6.54 21.24
C PRO B 42 1.18 5.17 20.84
N GLU B 43 0.43 4.44 20.01
CA GLU B 43 0.89 3.12 19.56
C GLU B 43 2.10 3.19 18.63
N VAL B 44 2.32 4.33 17.97
CA VAL B 44 3.39 4.47 16.97
C VAL B 44 4.74 4.66 17.65
N LEU B 45 5.65 3.71 17.42
CA LEU B 45 7.02 3.76 17.91
C LEU B 45 7.92 4.37 16.85
N GLY B 46 8.71 5.37 17.24
CA GLY B 46 9.57 6.05 16.30
C GLY B 46 8.79 7.02 15.43
N ASP B 47 9.48 7.56 14.42
CA ASP B 47 8.91 8.56 13.54
C ASP B 47 9.28 8.25 12.10
N LEU B 48 8.90 9.14 11.19
CA LEU B 48 9.22 8.96 9.78
C LEU B 48 10.72 8.85 9.59
N GLY B 49 11.13 7.93 8.72
CA GLY B 49 12.54 7.67 8.50
C GLY B 49 13.00 6.41 9.21
N GLY B 50 13.43 5.42 8.44
CA GLY B 50 13.81 4.12 8.95
C GLY B 50 13.34 3.04 8.01
N PHE B 51 13.95 1.85 8.13
CA PHE B 51 13.64 0.75 7.22
C PHE B 51 12.19 0.34 7.30
N GLY B 52 11.65 0.21 8.52
CA GLY B 52 10.26 -0.14 8.72
C GLY B 52 9.60 0.81 9.69
N ALA B 53 8.27 0.77 9.71
CA ALA B 53 7.46 1.61 10.58
C ALA B 53 6.83 0.73 11.66
N LEU B 54 7.07 1.08 12.92
CA LEU B 54 6.71 0.22 14.04
C LEU B 54 5.44 0.72 14.73
N VAL B 55 4.48 -0.18 14.92
CA VAL B 55 3.24 0.09 15.62
C VAL B 55 3.01 -1.02 16.65
N GLU B 56 2.88 -0.63 17.91
CA GLU B 56 2.51 -1.58 18.94
C GLU B 56 0.99 -1.67 19.02
N ILE B 57 0.49 -2.84 19.40
CA ILE B 57 -0.93 -3.07 19.56
C ILE B 57 -1.35 -2.97 21.01
N GLY B 58 -0.64 -3.66 21.90
CA GLY B 58 -0.99 -3.62 23.30
C GLY B 58 -2.17 -4.50 23.63
N LYS B 59 -2.10 -5.14 24.78
CA LYS B 59 -3.16 -6.00 25.31
C LYS B 59 -4.47 -5.23 25.62
N LYS B 60 -4.56 -3.95 25.21
CA LYS B 60 -5.85 -3.29 25.11
C LYS B 60 -6.82 -4.12 24.29
N TYR B 61 -6.32 -4.87 23.32
CA TYR B 61 -7.07 -5.84 22.55
C TYR B 61 -6.77 -7.25 23.08
N GLN B 62 -7.82 -8.03 23.35
CA GLN B 62 -7.63 -9.38 23.88
C GLN B 62 -7.36 -10.38 22.76
N ASN B 63 -8.15 -10.34 21.70
CA ASN B 63 -7.94 -11.19 20.53
C ASN B 63 -7.93 -10.27 19.31
N PRO B 64 -6.85 -9.51 19.12
CA PRO B 64 -6.86 -8.46 18.10
C PRO B 64 -6.84 -9.05 16.68
N VAL B 65 -7.71 -8.50 15.83
CA VAL B 65 -7.76 -8.87 14.42
C VAL B 65 -7.46 -7.64 13.59
N LEU B 66 -6.55 -7.80 12.64
CA LEU B 66 -6.18 -6.72 11.74
C LEU B 66 -7.09 -6.71 10.52
N VAL B 67 -7.53 -5.52 10.14
CA VAL B 67 -8.37 -5.33 8.96
C VAL B 67 -7.69 -4.30 8.08
N SER B 68 -7.39 -4.68 6.84
CA SER B 68 -6.60 -3.81 5.96
C SER B 68 -7.20 -3.75 4.58
N GLY B 69 -6.90 -2.65 3.88
CA GLY B 69 -7.36 -2.46 2.53
C GLY B 69 -6.48 -1.49 1.79
N THR B 70 -6.53 -1.58 0.46
CA THR B 70 -5.78 -0.70 -0.42
C THR B 70 -6.69 -0.18 -1.51
N ASP B 71 -6.39 1.03 -1.99
CA ASP B 71 -7.16 1.65 -3.06
C ASP B 71 -6.38 2.83 -3.62
N GLY B 72 -6.76 3.24 -4.82
CA GLY B 72 -6.35 4.50 -5.39
C GLY B 72 -7.48 5.51 -5.39
N VAL B 73 -7.24 6.63 -6.07
CA VAL B 73 -8.26 7.66 -6.18
C VAL B 73 -9.18 7.47 -7.39
N GLY B 74 -8.68 6.83 -8.44
CA GLY B 74 -9.45 6.65 -9.66
C GLY B 74 -9.35 7.85 -10.57
N THR B 75 -10.31 7.94 -11.49
CA THR B 75 -10.29 8.98 -12.52
C THR B 75 -10.52 10.38 -11.97
N LYS B 76 -10.84 10.52 -10.68
CA LYS B 76 -10.95 11.86 -10.10
C LYS B 76 -9.62 12.60 -10.15
N LEU B 77 -8.50 11.88 -10.17
CA LEU B 77 -7.20 12.54 -10.31
C LEU B 77 -7.12 13.37 -11.59
N LYS B 78 -7.80 12.93 -12.65
CA LYS B 78 -7.74 13.66 -13.92
C LYS B 78 -8.26 15.08 -13.74
N LEU B 79 -9.37 15.22 -12.99
CA LEU B 79 -9.88 16.54 -12.62
C LEU B 79 -8.94 17.27 -11.68
N ALA B 80 -8.22 16.55 -10.81
CA ALA B 80 -7.27 17.22 -9.94
C ALA B 80 -6.16 17.85 -10.75
N PHE B 81 -5.71 17.16 -11.80
CA PHE B 81 -4.75 17.76 -12.72
C PHE B 81 -5.34 18.97 -13.42
N ASP B 82 -6.54 18.81 -14.00
CA ASP B 82 -7.08 19.82 -14.89
C ASP B 82 -7.31 21.14 -14.16
N TRP B 83 -7.74 21.08 -12.91
CA TRP B 83 -8.08 22.26 -12.13
C TRP B 83 -6.95 22.69 -11.22
N ASP B 84 -5.83 21.97 -11.21
CA ASP B 84 -4.69 22.27 -10.35
C ASP B 84 -5.10 22.35 -8.88
N LYS B 85 -5.94 21.43 -8.45
CA LYS B 85 -6.39 21.34 -7.06
C LYS B 85 -5.98 19.96 -6.56
N HIS B 86 -4.87 19.90 -5.83
CA HIS B 86 -4.31 18.65 -5.37
C HIS B 86 -4.32 18.46 -3.86
N ASP B 87 -4.82 19.44 -3.10
CA ASP B 87 -4.72 19.35 -1.64
C ASP B 87 -5.89 18.61 -1.00
N THR B 88 -6.81 18.04 -1.79
CA THR B 88 -7.89 17.24 -1.23
C THR B 88 -7.99 15.81 -1.77
N VAL B 89 -7.42 15.49 -2.94
CA VAL B 89 -7.52 14.11 -3.42
C VAL B 89 -6.83 13.15 -2.45
N GLY B 90 -5.89 13.64 -1.64
CA GLY B 90 -5.31 12.80 -0.61
C GLY B 90 -6.30 12.43 0.47
N ILE B 91 -7.26 13.30 0.75
CA ILE B 91 -8.36 12.94 1.62
C ILE B 91 -9.22 11.87 0.96
N ASP B 92 -9.49 12.02 -0.34
CA ASP B 92 -10.19 10.97 -1.08
C ASP B 92 -9.45 9.65 -0.96
N LEU B 93 -8.13 9.68 -1.12
CA LEU B 93 -7.35 8.45 -1.04
C LEU B 93 -7.59 7.75 0.28
N VAL B 94 -7.49 8.48 1.39
CA VAL B 94 -7.59 7.88 2.72
C VAL B 94 -8.98 7.30 2.93
N ALA B 95 -10.01 8.10 2.64
CA ALA B 95 -11.38 7.65 2.86
C ALA B 95 -11.69 6.35 2.12
N MET B 96 -11.13 6.16 0.93
CA MET B 96 -11.44 4.97 0.15
C MET B 96 -11.06 3.69 0.88
N SER B 97 -10.03 3.74 1.72
CA SER B 97 -9.54 2.57 2.45
C SER B 97 -10.03 2.54 3.90
N VAL B 98 -9.95 3.67 4.61
CA VAL B 98 -10.36 3.68 6.00
C VAL B 98 -11.86 3.46 6.13
N ASN B 99 -12.67 4.01 5.22
CA ASN B 99 -14.10 3.73 5.25
C ASN B 99 -14.38 2.25 5.00
N ASP B 100 -13.58 1.62 4.12
CA ASP B 100 -13.75 0.19 3.85
C ASP B 100 -13.50 -0.65 5.10
N ILE B 101 -12.37 -0.42 5.79
CA ILE B 101 -12.13 -1.21 6.99
C ILE B 101 -13.09 -0.82 8.11
N LEU B 102 -13.67 0.37 8.05
CA LEU B 102 -14.59 0.76 9.11
C LEU B 102 -15.85 -0.10 9.13
N VAL B 103 -16.30 -0.58 7.97
CA VAL B 103 -17.56 -1.32 7.93
C VAL B 103 -17.45 -2.67 8.66
N GLN B 104 -16.24 -3.21 8.80
CA GLN B 104 -16.09 -4.44 9.56
C GLN B 104 -15.96 -4.19 11.05
N GLY B 105 -16.09 -2.94 11.50
CA GLY B 105 -15.96 -2.60 12.89
C GLY B 105 -14.56 -2.29 13.32
N ALA B 106 -13.63 -2.14 12.38
CA ALA B 106 -12.23 -1.94 12.70
C ALA B 106 -11.95 -0.48 13.00
N GLU B 107 -11.15 -0.24 14.02
CA GLU B 107 -10.63 1.09 14.27
C GLU B 107 -9.41 1.32 13.42
N PRO B 108 -9.43 2.28 12.50
CA PRO B 108 -8.22 2.57 11.71
C PRO B 108 -7.05 2.93 12.61
N LEU B 109 -5.89 2.35 12.31
CA LEU B 109 -4.71 2.48 13.14
C LEU B 109 -3.56 3.19 12.44
N PHE B 110 -3.15 2.75 11.25
CA PHE B 110 -2.05 3.41 10.58
C PHE B 110 -2.23 3.33 9.07
N PHE B 111 -1.49 4.19 8.36
CA PHE B 111 -1.66 4.40 6.93
C PHE B 111 -0.32 4.62 6.26
N LEU B 112 -0.18 4.07 5.05
CA LEU B 112 0.99 4.28 4.19
C LEU B 112 0.51 4.67 2.80
N ASP B 113 1.28 5.53 2.13
CA ASP B 113 0.93 5.96 0.78
C ASP B 113 2.08 5.74 -0.18
N TYR B 114 1.73 5.45 -1.43
CA TYR B 114 2.69 5.30 -2.50
C TYR B 114 2.39 6.36 -3.55
N PHE B 115 3.41 7.14 -3.92
CA PHE B 115 3.27 8.30 -4.79
C PHE B 115 4.22 8.09 -5.96
N ALA B 116 3.68 7.95 -7.17
CA ALA B 116 4.51 7.75 -8.36
C ALA B 116 4.29 8.89 -9.35
N CYS B 117 5.35 9.25 -10.05
CA CYS B 117 5.32 10.34 -11.04
C CYS B 117 6.52 10.20 -11.95
N GLY B 118 6.56 11.06 -12.98
CA GLY B 118 7.66 11.09 -13.91
C GLY B 118 8.79 11.94 -13.38
N LYS B 119 8.52 13.23 -13.21
CA LYS B 119 9.41 14.17 -12.56
C LYS B 119 8.71 14.67 -11.30
N LEU B 120 9.41 14.67 -10.18
CA LEU B 120 8.79 15.02 -8.91
C LEU B 120 8.68 16.53 -8.77
N ASP B 121 7.46 17.03 -8.52
CA ASP B 121 7.20 18.45 -8.30
C ASP B 121 6.96 18.59 -6.80
N VAL B 122 7.97 19.05 -6.08
CA VAL B 122 7.93 18.98 -4.62
C VAL B 122 6.79 19.82 -4.06
N PRO B 123 6.53 21.04 -4.52
CA PRO B 123 5.34 21.74 -4.01
C PRO B 123 4.04 20.97 -4.24
N ARG B 124 3.82 20.42 -5.43
CA ARG B 124 2.56 19.71 -5.66
C ARG B 124 2.52 18.39 -4.88
N ALA B 125 3.64 17.68 -4.81
CA ALA B 125 3.66 16.45 -4.03
C ALA B 125 3.41 16.77 -2.55
N THR B 126 4.02 17.84 -2.06
CA THR B 126 3.77 18.31 -0.70
C THR B 126 2.28 18.56 -0.48
N ASP B 127 1.62 19.16 -1.47
CA ASP B 127 0.18 19.41 -1.39
C ASP B 127 -0.61 18.12 -1.32
N VAL B 128 -0.28 17.15 -2.17
CA VAL B 128 -0.99 15.87 -2.20
C VAL B 128 -0.86 15.17 -0.86
N ILE B 129 0.36 15.05 -0.37
CA ILE B 129 0.58 14.29 0.86
C ILE B 129 0.02 15.05 2.05
N LYS B 130 -0.02 16.39 1.97
CA LYS B 130 -0.63 17.16 3.04
C LYS B 130 -2.09 16.79 3.22
N GLY B 131 -2.81 16.56 2.12
CA GLY B 131 -4.19 16.11 2.23
C GLY B 131 -4.30 14.72 2.81
N ILE B 132 -3.39 13.83 2.43
CA ILE B 132 -3.35 12.48 3.00
C ILE B 132 -3.26 12.57 4.53
N ALA B 133 -2.31 13.36 5.03
CA ALA B 133 -2.15 13.51 6.47
C ALA B 133 -3.42 14.05 7.09
N GLN B 134 -4.08 14.99 6.41
CA GLN B 134 -5.32 15.55 6.91
C GLN B 134 -6.42 14.50 6.98
N GLY B 135 -6.50 13.65 5.96
CA GLY B 135 -7.44 12.56 6.02
C GLY B 135 -7.11 11.58 7.14
N CYS B 136 -5.81 11.36 7.36
CA CYS B 136 -5.38 10.49 8.47
C CYS B 136 -5.72 11.10 9.81
N GLU B 137 -5.49 12.41 9.97
CA GLU B 137 -5.86 13.08 11.22
C GLU B 137 -7.35 12.96 11.47
N GLU B 138 -8.17 13.16 10.45
CA GLU B 138 -9.61 13.09 10.69
C GLU B 138 -10.08 11.68 11.04
N SER B 139 -9.36 10.65 10.61
CA SER B 139 -9.73 9.26 10.86
C SER B 139 -9.09 8.69 12.11
N GLY B 140 -8.21 9.44 12.77
CA GLY B 140 -7.53 8.92 13.93
C GLY B 140 -6.44 7.91 13.65
N CYS B 141 -6.00 7.74 12.41
CA CYS B 141 -4.92 6.82 12.10
C CYS B 141 -3.64 7.59 11.77
N ALA B 142 -2.52 6.97 12.10
CA ALA B 142 -1.23 7.59 11.89
C ALA B 142 -0.73 7.31 10.47
N LEU B 143 -0.19 8.35 9.84
CA LEU B 143 0.51 8.23 8.57
C LEU B 143 1.97 7.96 8.89
N ILE B 144 2.38 6.69 8.81
CA ILE B 144 3.67 6.26 9.34
C ILE B 144 4.72 5.98 8.27
N GLY B 145 4.37 6.03 7.00
CA GLY B 145 5.39 5.74 6.02
C GLY B 145 4.84 5.84 4.62
N GLY B 146 5.74 5.64 3.66
CA GLY B 146 5.33 5.72 2.28
C GLY B 146 6.49 5.53 1.34
N GLU B 147 6.25 5.88 0.08
CA GLU B 147 7.24 5.74 -0.97
C GLU B 147 6.96 6.81 -2.01
N THR B 148 8.02 7.44 -2.49
CA THR B 148 7.92 8.39 -3.60
C THR B 148 8.77 7.84 -4.74
N ALA B 149 8.11 7.38 -5.81
CA ALA B 149 8.81 6.84 -6.98
C ALA B 149 8.81 7.86 -8.12
N GLU B 150 10.00 8.18 -8.63
CA GLU B 150 10.15 8.97 -9.85
C GLU B 150 10.44 8.01 -11.00
N MET B 151 9.52 7.94 -11.96
CA MET B 151 9.68 7.13 -13.17
C MET B 151 9.65 8.06 -14.37
N PRO B 152 10.80 8.64 -14.73
CA PRO B 152 10.81 9.60 -15.84
C PRO B 152 10.32 8.94 -17.12
N GLY B 153 9.26 9.49 -17.67
CA GLY B 153 8.67 8.99 -18.89
C GLY B 153 7.39 8.20 -18.72
N MET B 154 7.13 7.65 -17.53
CA MET B 154 5.87 6.92 -17.39
C MET B 154 4.69 7.86 -17.16
N TYR B 155 4.91 9.07 -16.67
CA TYR B 155 3.81 9.98 -16.44
C TYR B 155 4.07 11.30 -17.15
N PRO B 156 3.03 11.90 -17.74
CA PRO B 156 3.18 13.25 -18.29
C PRO B 156 3.56 14.23 -17.20
N VAL B 157 4.20 15.33 -17.62
CA VAL B 157 4.59 16.36 -16.67
C VAL B 157 3.37 16.78 -15.87
N GLY B 158 3.53 16.83 -14.55
CA GLY B 158 2.47 17.27 -13.68
C GLY B 158 1.58 16.17 -13.16
N GLU B 159 1.58 15.00 -13.77
CA GLU B 159 0.66 13.95 -13.38
C GLU B 159 1.36 12.91 -12.49
N TYR B 160 0.54 12.20 -11.70
CA TYR B 160 1.03 11.26 -10.71
C TYR B 160 -0.04 10.21 -10.44
N ASP B 161 0.34 9.21 -9.64
CA ASP B 161 -0.55 8.12 -9.24
C ASP B 161 -0.46 7.94 -7.74
N LEU B 162 -1.60 7.68 -7.11
CA LEU B 162 -1.68 7.52 -5.67
C LEU B 162 -2.24 6.13 -5.36
N ALA B 163 -1.61 5.45 -4.42
CA ALA B 163 -2.12 4.21 -3.84
C ALA B 163 -2.01 4.34 -2.34
N GLY B 164 -3.05 3.92 -1.63
CA GLY B 164 -2.99 3.97 -0.19
C GLY B 164 -3.26 2.64 0.48
N PHE B 165 -2.78 2.48 1.71
CA PHE B 165 -2.90 1.22 2.44
C PHE B 165 -3.27 1.58 3.87
N ALA B 166 -4.39 1.05 4.36
CA ALA B 166 -4.88 1.34 5.70
C ALA B 166 -4.99 0.05 6.47
N VAL B 167 -4.64 0.08 7.76
CA VAL B 167 -4.74 -1.08 8.65
C VAL B 167 -5.47 -0.67 9.91
N GLY B 168 -6.52 -1.42 10.26
CA GLY B 168 -7.26 -1.18 11.48
C GLY B 168 -7.32 -2.44 12.33
N VAL B 169 -7.83 -2.25 13.55
CA VAL B 169 -7.88 -3.30 14.57
C VAL B 169 -9.30 -3.45 15.09
N VAL B 170 -9.70 -4.70 15.36
CA VAL B 170 -10.99 -5.03 15.97
C VAL B 170 -10.80 -6.29 16.79
N GLU B 171 -11.57 -6.43 17.85
CA GLU B 171 -11.62 -7.67 18.61
C GLU B 171 -12.40 -8.71 17.81
N LYS B 172 -11.87 -9.94 17.80
CA LYS B 172 -12.47 -11.00 16.97
C LYS B 172 -13.97 -11.11 17.20
N GLU B 173 -14.41 -10.95 18.46
CA GLU B 173 -15.83 -11.05 18.77
C GLU B 173 -16.64 -9.84 18.31
N ASN B 174 -15.98 -8.74 17.95
CA ASN B 174 -16.68 -7.53 17.54
C ASN B 174 -16.67 -7.32 16.05
N VAL B 175 -16.09 -8.26 15.27
CA VAL B 175 -16.11 -8.15 13.82
C VAL B 175 -17.56 -8.09 13.34
N ILE B 176 -17.89 -7.06 12.57
CA ILE B 176 -19.24 -6.86 12.06
C ILE B 176 -19.35 -7.53 10.70
N THR B 177 -20.18 -8.58 10.62
CA THR B 177 -20.30 -9.40 9.43
C THR B 177 -21.68 -9.34 8.77
N GLY B 178 -22.68 -8.80 9.44
CA GLY B 178 -24.02 -8.75 8.88
C GLY B 178 -24.81 -10.03 8.99
N LEU B 179 -24.26 -11.08 9.58
CA LEU B 179 -24.95 -12.37 9.60
C LEU B 179 -26.21 -12.36 10.45
N SER B 180 -26.32 -11.43 11.41
CA SER B 180 -27.51 -11.32 12.23
C SER B 180 -28.56 -10.37 11.64
N VAL B 181 -28.29 -9.77 10.47
CA VAL B 181 -29.28 -8.92 9.81
C VAL B 181 -30.51 -9.75 9.47
N GLY B 182 -31.67 -9.27 9.91
CA GLY B 182 -32.90 -10.02 9.69
C GLY B 182 -34.07 -9.09 9.40
N ALA B 183 -35.09 -9.67 8.77
CA ALA B 183 -36.26 -8.91 8.36
C ALA B 183 -36.86 -8.13 9.53
N GLY B 184 -37.08 -6.83 9.30
CA GLY B 184 -37.53 -5.92 10.34
C GLY B 184 -36.48 -4.92 10.79
N ASP B 185 -35.22 -5.10 10.40
CA ASP B 185 -34.16 -4.17 10.76
C ASP B 185 -34.21 -2.92 9.90
N MET B 186 -33.86 -1.79 10.50
CA MET B 186 -33.94 -0.51 9.83
C MET B 186 -32.62 -0.18 9.14
N VAL B 187 -32.72 0.34 7.93
CA VAL B 187 -31.56 0.70 7.11
C VAL B 187 -31.42 2.21 7.18
N LEU B 188 -30.35 2.69 7.81
CA LEU B 188 -30.08 4.12 7.86
C LEU B 188 -29.05 4.49 6.80
N GLY B 189 -29.09 5.75 6.39
CA GLY B 189 -28.15 6.24 5.39
C GLY B 189 -27.43 7.50 5.81
N LEU B 190 -26.11 7.47 5.70
CA LEU B 190 -25.28 8.63 6.02
C LEU B 190 -25.02 9.40 4.73
N ALA B 191 -25.30 10.70 4.76
CA ALA B 191 -25.20 11.51 3.55
C ALA B 191 -23.75 11.65 3.11
N SER B 192 -23.57 11.80 1.81
CA SER B 192 -22.26 11.94 1.20
C SER B 192 -21.93 13.41 0.96
N ASN B 193 -20.67 13.67 0.62
CA ASN B 193 -20.23 15.01 0.28
C ASN B 193 -20.36 15.30 -1.22
N GLY B 194 -20.73 14.29 -2.00
CA GLY B 194 -20.83 14.34 -3.44
C GLY B 194 -20.56 12.96 -4.02
N ALA B 195 -20.01 12.93 -5.24
CA ALA B 195 -19.71 11.67 -5.90
C ALA B 195 -18.54 10.93 -5.27
N HIS B 196 -17.83 11.57 -4.33
CA HIS B 196 -16.73 10.95 -3.61
C HIS B 196 -15.59 10.54 -4.54
N SER B 197 -15.40 9.25 -4.81
CA SER B 197 -14.29 8.80 -5.64
C SER B 197 -14.71 7.88 -6.79
N ASN B 198 -15.98 7.88 -7.18
CA ASN B 198 -16.45 6.97 -8.21
C ASN B 198 -17.37 7.69 -9.19
N GLY B 199 -17.34 7.21 -10.44
CA GLY B 199 -18.13 7.80 -11.49
C GLY B 199 -17.56 9.06 -12.09
N TYR B 200 -16.25 9.27 -12.00
CA TYR B 200 -15.67 10.54 -12.42
C TYR B 200 -15.24 10.57 -13.88
N SER B 201 -15.05 9.42 -14.52
CA SER B 201 -14.87 9.43 -15.97
C SER B 201 -16.09 10.04 -16.64
N LEU B 202 -17.28 9.76 -16.09
CA LEU B 202 -18.52 10.27 -16.64
C LEU B 202 -18.70 11.75 -16.31
N ILE B 203 -18.36 12.16 -15.08
CA ILE B 203 -18.42 13.57 -14.73
C ILE B 203 -17.54 14.39 -15.67
N ARG B 204 -16.40 13.83 -16.06
CA ARG B 204 -15.48 14.58 -16.92
C ARG B 204 -15.99 14.64 -18.36
N LYS B 205 -16.53 13.53 -18.87
CA LYS B 205 -17.13 13.56 -20.20
C LYS B 205 -18.20 14.63 -20.30
N ILE B 206 -19.05 14.72 -19.28
CA ILE B 206 -20.12 15.72 -19.29
C ILE B 206 -19.53 17.13 -19.28
N ILE B 207 -18.62 17.40 -18.36
CA ILE B 207 -18.09 18.75 -18.20
C ILE B 207 -17.33 19.19 -19.44
N GLU B 208 -16.57 18.27 -20.06
CA GLU B 208 -15.84 18.60 -21.27
C GLU B 208 -16.76 18.80 -22.47
N ARG B 209 -18.00 18.33 -22.41
CA ARG B 209 -18.95 18.55 -23.50
C ARG B 209 -19.77 19.82 -23.35
N ASP B 210 -20.24 20.12 -22.14
CA ASP B 210 -21.16 21.23 -21.91
C ASP B 210 -20.46 22.52 -21.55
N ASN B 211 -19.19 22.46 -21.13
CA ASN B 211 -18.41 23.58 -20.62
C ASN B 211 -19.24 24.48 -19.68
N PRO B 212 -19.82 23.92 -18.61
CA PRO B 212 -20.64 24.74 -17.73
C PRO B 212 -19.78 25.66 -16.88
N ASP B 213 -20.37 26.78 -16.46
CA ASP B 213 -19.66 27.73 -15.62
C ASP B 213 -19.32 27.11 -14.27
N LEU B 214 -18.12 26.54 -14.16
CA LEU B 214 -17.74 25.80 -12.95
C LEU B 214 -17.56 26.72 -11.75
N ASP B 215 -17.55 28.04 -11.95
CA ASP B 215 -17.30 28.98 -10.87
C ASP B 215 -18.56 29.72 -10.43
N ALA B 216 -19.72 29.31 -10.90
CA ALA B 216 -20.97 29.91 -10.47
C ALA B 216 -21.46 29.22 -9.21
N GLU B 217 -22.23 29.95 -8.40
CA GLU B 217 -22.89 29.34 -7.26
C GLU B 217 -23.83 28.26 -7.75
N PHE B 218 -23.72 27.09 -7.15
CA PHE B 218 -24.45 25.90 -7.59
C PHE B 218 -25.34 25.32 -6.51
N ASP B 219 -24.83 25.22 -5.28
CA ASP B 219 -25.55 24.57 -4.19
C ASP B 219 -24.86 24.91 -2.87
N ASN B 220 -25.67 25.14 -1.83
CA ASN B 220 -25.18 25.36 -0.48
C ASN B 220 -24.07 26.42 -0.43
N GLY B 221 -24.18 27.43 -1.28
CA GLY B 221 -23.18 28.49 -1.31
C GLY B 221 -21.80 28.01 -1.71
N LYS B 222 -21.73 27.02 -2.59
CA LYS B 222 -20.47 26.52 -3.12
C LYS B 222 -20.54 26.50 -4.64
N THR B 223 -19.42 26.81 -5.28
CA THR B 223 -19.39 26.79 -6.73
C THR B 223 -19.51 25.36 -7.25
N LEU B 224 -19.91 25.23 -8.51
CA LEU B 224 -20.05 23.90 -9.09
C LEU B 224 -18.74 23.13 -9.03
N ARG B 225 -17.62 23.81 -9.27
CA ARG B 225 -16.32 23.16 -9.17
C ARG B 225 -16.08 22.63 -7.77
N GLU B 226 -16.40 23.44 -6.75
CA GLU B 226 -16.24 22.98 -5.36
C GLU B 226 -17.10 21.76 -5.10
N ALA B 227 -18.29 21.70 -5.70
CA ALA B 227 -19.16 20.54 -5.53
C ALA B 227 -18.63 19.31 -6.25
N VAL B 228 -17.94 19.47 -7.38
CA VAL B 228 -17.48 18.32 -8.15
C VAL B 228 -16.26 17.69 -7.48
N ILE B 229 -15.34 18.50 -6.99
CA ILE B 229 -14.08 17.98 -6.47
C ILE B 229 -14.10 17.81 -4.95
N ALA B 230 -15.27 17.96 -4.33
CA ALA B 230 -15.38 17.84 -2.88
C ALA B 230 -14.82 16.49 -2.42
N PRO B 231 -13.95 16.48 -1.41
CA PRO B 231 -13.34 15.22 -0.95
C PRO B 231 -14.36 14.27 -0.31
N THR B 232 -14.08 12.98 -0.45
CA THR B 232 -14.91 11.94 0.15
C THR B 232 -15.05 12.16 1.65
N ARG B 233 -16.26 11.95 2.16
CA ARG B 233 -16.50 12.14 3.58
C ARG B 233 -15.96 10.94 4.36
N LEU B 234 -15.37 11.22 5.53
CA LEU B 234 -14.89 10.19 6.43
C LEU B 234 -15.94 9.91 7.50
N TYR B 235 -16.25 8.63 7.69
CA TYR B 235 -17.28 8.22 8.64
C TYR B 235 -16.69 7.59 9.90
N VAL B 236 -15.38 7.67 10.08
CA VAL B 236 -14.71 6.89 11.12
C VAL B 236 -15.12 7.37 12.50
N LYS B 237 -14.89 8.65 12.78
CA LYS B 237 -15.12 9.15 14.14
C LYS B 237 -16.57 8.96 14.60
N PRO B 238 -17.60 9.31 13.83
CA PRO B 238 -18.97 9.10 14.34
C PRO B 238 -19.37 7.64 14.44
N ILE B 239 -18.99 6.80 13.47
CA ILE B 239 -19.36 5.39 13.51
C ILE B 239 -18.70 4.67 14.68
N LEU B 240 -17.41 4.95 14.92
CA LEU B 240 -16.73 4.30 16.03
C LEU B 240 -17.33 4.76 17.36
N ALA B 241 -17.66 6.05 17.47
CA ALA B 241 -18.34 6.53 18.67
C ALA B 241 -19.71 5.88 18.83
N ALA B 242 -20.42 5.67 17.73
CA ALA B 242 -21.69 4.96 17.79
C ALA B 242 -21.51 3.54 18.31
N LEU B 243 -20.45 2.85 17.88
CA LEU B 243 -20.24 1.46 18.27
C LEU B 243 -20.00 1.31 19.76
N GLU B 244 -19.61 2.39 20.44
CA GLU B 244 -19.46 2.35 21.89
C GLU B 244 -20.82 2.23 22.57
N LYS B 245 -21.87 2.79 21.97
CA LYS B 245 -23.18 2.87 22.59
C LYS B 245 -24.21 1.94 21.97
N PHE B 246 -24.01 1.48 20.73
CA PHE B 246 -24.98 0.64 20.07
C PHE B 246 -24.28 -0.51 19.34
N THR B 247 -25.08 -1.52 19.00
CA THR B 247 -24.65 -2.63 18.17
C THR B 247 -25.10 -2.35 16.74
N ILE B 248 -24.15 -2.36 15.80
CA ILE B 248 -24.45 -2.18 14.38
C ILE B 248 -24.41 -3.55 13.70
N LYS B 249 -25.49 -3.91 13.02
CA LYS B 249 -25.59 -5.25 12.46
C LYS B 249 -24.85 -5.38 11.13
N GLY B 250 -24.80 -4.31 10.33
CA GLY B 250 -24.06 -4.33 9.09
C GLY B 250 -23.81 -2.92 8.60
N MET B 251 -22.81 -2.79 7.73
CA MET B 251 -22.47 -1.50 7.15
C MET B 251 -22.00 -1.68 5.71
N ALA B 252 -22.25 -0.67 4.87
CA ALA B 252 -21.73 -0.69 3.51
C ALA B 252 -21.20 0.68 3.12
N HIS B 253 -19.97 0.69 2.60
CA HIS B 253 -19.38 1.89 2.01
C HIS B 253 -19.74 1.91 0.53
N ILE B 254 -20.34 3.00 0.08
CA ILE B 254 -20.95 3.09 -1.26
C ILE B 254 -19.89 3.60 -2.23
N THR B 255 -19.30 2.68 -3.01
CA THR B 255 -18.23 3.04 -3.93
C THR B 255 -18.62 2.61 -5.34
N GLY B 256 -17.79 1.80 -6.01
CA GLY B 256 -18.12 1.37 -7.36
C GLY B 256 -19.35 0.48 -7.37
N GLY B 257 -20.26 0.75 -8.30
CA GLY B 257 -21.53 0.05 -8.35
C GLY B 257 -22.65 0.72 -7.59
N GLY B 258 -22.38 1.86 -6.96
CA GLY B 258 -23.43 2.65 -6.35
C GLY B 258 -24.11 1.98 -5.17
N ILE B 259 -25.34 2.42 -4.92
CA ILE B 259 -26.10 1.92 -3.78
C ILE B 259 -26.47 0.45 -3.98
N THR B 260 -27.01 0.12 -5.15
CA THR B 260 -27.60 -1.20 -5.34
C THR B 260 -26.57 -2.32 -5.46
N GLU B 261 -25.32 -2.02 -5.82
CA GLU B 261 -24.31 -3.06 -5.95
C GLU B 261 -23.43 -3.23 -4.71
N ASN B 262 -23.47 -2.28 -3.77
CA ASN B 262 -22.62 -2.33 -2.59
C ASN B 262 -23.35 -2.76 -1.33
N VAL B 263 -24.62 -2.38 -1.17
CA VAL B 263 -25.37 -2.78 0.03
C VAL B 263 -25.55 -4.28 0.13
N PRO B 264 -25.81 -5.03 -0.96
CA PRO B 264 -25.98 -6.49 -0.79
C PRO B 264 -24.74 -7.23 -0.33
N ARG B 265 -23.60 -6.55 -0.14
CA ARG B 265 -22.39 -7.25 0.31
C ARG B 265 -22.52 -7.74 1.75
N VAL B 266 -23.31 -7.05 2.58
CA VAL B 266 -23.49 -7.42 3.98
C VAL B 266 -24.84 -8.08 4.22
N LEU B 267 -25.60 -8.35 3.16
CA LEU B 267 -26.93 -8.91 3.38
C LEU B 267 -26.88 -10.43 3.27
N PRO B 268 -27.48 -11.14 4.23
CA PRO B 268 -27.63 -12.60 4.09
C PRO B 268 -28.40 -12.98 2.83
N LYS B 269 -28.14 -14.20 2.36
CA LYS B 269 -28.72 -14.67 1.10
C LYS B 269 -30.23 -14.50 1.03
N ASN B 270 -30.92 -14.51 2.18
CA ASN B 270 -32.38 -14.55 2.19
C ASN B 270 -33.02 -13.19 2.50
N THR B 271 -32.25 -12.10 2.56
CA THR B 271 -32.81 -10.82 2.92
C THR B 271 -32.67 -9.82 1.77
N VAL B 272 -33.55 -8.83 1.79
CA VAL B 272 -33.57 -7.77 0.79
C VAL B 272 -33.68 -6.44 1.53
N ALA B 273 -32.96 -5.43 1.04
CA ALA B 273 -33.05 -4.07 1.56
C ALA B 273 -33.90 -3.24 0.62
N GLN B 274 -35.11 -2.88 1.06
CA GLN B 274 -36.04 -2.09 0.28
C GLN B 274 -35.88 -0.64 0.69
N ILE B 275 -35.54 0.23 -0.27
CA ILE B 275 -35.30 1.64 -0.01
C ILE B 275 -36.44 2.44 -0.65
N ASP B 276 -37.15 3.22 0.17
CA ASP B 276 -38.14 4.16 -0.34
C ASP B 276 -37.41 5.37 -0.91
N ALA B 277 -37.59 5.62 -2.21
CA ALA B 277 -36.81 6.64 -2.89
C ALA B 277 -37.09 8.04 -2.34
N GLU B 278 -38.27 8.26 -1.76
CA GLU B 278 -38.64 9.59 -1.28
C GLU B 278 -38.13 9.87 0.12
N SER B 279 -37.32 8.98 0.70
CA SER B 279 -36.79 9.19 2.05
C SER B 279 -35.60 10.14 2.09
N TRP B 280 -35.04 10.50 0.95
CA TRP B 280 -33.99 11.50 0.89
C TRP B 280 -33.99 12.12 -0.49
N GLU B 281 -33.70 13.42 -0.56
CA GLU B 281 -33.67 14.12 -1.83
C GLU B 281 -32.35 13.86 -2.54
N LEU B 282 -32.43 13.56 -3.82
CA LEU B 282 -31.23 13.49 -4.66
C LEU B 282 -30.55 14.85 -4.65
N PRO B 283 -29.29 14.94 -4.21
CA PRO B 283 -28.64 16.25 -4.16
C PRO B 283 -28.54 16.89 -5.53
N LYS B 284 -28.36 18.22 -5.53
CA LYS B 284 -28.34 18.96 -6.78
C LYS B 284 -27.25 18.43 -7.72
N LEU B 285 -26.09 18.08 -7.17
CA LEU B 285 -24.98 17.64 -8.02
C LEU B 285 -25.37 16.43 -8.85
N PHE B 286 -26.07 15.46 -8.25
CA PHE B 286 -26.49 14.28 -8.99
C PHE B 286 -27.70 14.57 -9.88
N GLN B 287 -28.55 15.53 -9.50
CA GLN B 287 -29.65 15.92 -10.37
C GLN B 287 -29.14 16.43 -11.71
N TRP B 288 -28.09 17.26 -11.68
CA TRP B 288 -27.48 17.74 -12.91
C TRP B 288 -26.85 16.59 -13.69
N LEU B 289 -26.18 15.67 -13.00
CA LEU B 289 -25.51 14.57 -13.69
C LEU B 289 -26.52 13.64 -14.38
N GLN B 290 -27.68 13.43 -13.76
CA GLN B 290 -28.68 12.58 -14.39
C GLN B 290 -29.24 13.24 -15.65
N LYS B 291 -29.59 14.52 -15.58
CA LYS B 291 -30.12 15.22 -16.75
C LYS B 291 -29.09 15.29 -17.87
N ALA B 292 -27.89 15.78 -17.56
CA ALA B 292 -26.86 15.92 -18.59
C ALA B 292 -26.45 14.57 -19.16
N GLY B 293 -26.42 13.53 -18.33
CA GLY B 293 -26.04 12.20 -18.78
C GLY B 293 -27.15 11.37 -19.41
N ASN B 294 -28.40 11.80 -19.27
CA ASN B 294 -29.55 11.07 -19.78
C ASN B 294 -29.53 9.63 -19.28
N VAL B 295 -29.51 9.50 -17.96
CA VAL B 295 -29.28 8.23 -17.27
C VAL B 295 -30.60 7.77 -16.65
N GLU B 296 -30.96 6.51 -16.90
CA GLU B 296 -32.09 5.92 -16.21
C GLU B 296 -31.89 5.95 -14.71
N THR B 297 -32.98 6.19 -13.97
CA THR B 297 -32.86 6.36 -12.51
C THR B 297 -32.30 5.11 -11.85
N GLN B 298 -32.72 3.92 -12.29
CA GLN B 298 -32.19 2.69 -11.72
C GLN B 298 -30.74 2.46 -12.12
N GLU B 299 -30.28 3.09 -13.21
CA GLU B 299 -28.87 3.06 -13.58
C GLU B 299 -28.04 4.01 -12.72
N MET B 300 -28.62 5.11 -12.27
CA MET B 300 -27.91 6.01 -11.35
C MET B 300 -27.64 5.30 -10.03
N TYR B 301 -28.63 4.58 -9.51
CA TYR B 301 -28.48 3.87 -8.24
C TYR B 301 -27.40 2.80 -8.30
N ARG B 302 -26.94 2.42 -9.49
CA ARG B 302 -25.89 1.43 -9.66
C ARG B 302 -24.58 2.04 -10.15
N THR B 303 -24.47 3.38 -10.14
CA THR B 303 -23.28 4.05 -10.66
C THR B 303 -22.74 5.08 -9.65
N PHE B 304 -23.59 6.00 -9.21
CA PHE B 304 -23.20 7.03 -8.26
C PHE B 304 -23.81 6.74 -6.90
N ASN B 305 -23.19 7.31 -5.86
CA ASN B 305 -23.73 7.11 -4.51
C ASN B 305 -25.02 7.90 -4.27
N CYS B 306 -25.36 8.84 -5.17
CA CYS B 306 -26.66 9.51 -5.16
C CYS B 306 -26.94 10.25 -3.86
N GLY B 307 -25.91 10.57 -3.09
CA GLY B 307 -26.09 11.24 -1.82
C GLY B 307 -26.01 10.35 -0.60
N ILE B 308 -25.72 9.07 -0.76
CA ILE B 308 -25.62 8.11 0.34
C ILE B 308 -24.19 7.61 0.37
N GLY B 309 -23.41 8.06 1.36
CA GLY B 309 -22.02 7.68 1.46
C GLY B 309 -21.80 6.39 2.24
N MET B 310 -22.62 6.15 3.25
CA MET B 310 -22.51 4.97 4.09
C MET B 310 -23.90 4.49 4.47
N VAL B 311 -24.11 3.19 4.39
CA VAL B 311 -25.36 2.54 4.80
C VAL B 311 -25.11 1.83 6.12
N VAL B 312 -26.00 2.06 7.09
CA VAL B 312 -25.92 1.47 8.43
C VAL B 312 -27.21 0.70 8.69
N ILE B 313 -27.08 -0.59 9.02
CA ILE B 313 -28.21 -1.43 9.39
C ILE B 313 -28.18 -1.65 10.90
N VAL B 314 -29.32 -1.41 11.56
CA VAL B 314 -29.46 -1.57 13.00
C VAL B 314 -30.80 -2.21 13.31
N ALA B 315 -30.93 -2.68 14.56
CA ALA B 315 -32.19 -3.23 15.04
C ALA B 315 -33.26 -2.14 15.08
N ALA B 316 -34.51 -2.56 14.84
CA ALA B 316 -35.60 -1.61 14.78
C ALA B 316 -35.77 -0.82 16.08
N GLU B 317 -35.57 -1.49 17.22
CA GLU B 317 -35.71 -0.79 18.49
C GLU B 317 -34.61 0.24 18.72
N ASP B 318 -33.48 0.11 18.05
CA ASP B 318 -32.36 1.05 18.21
C ASP B 318 -32.35 2.14 17.15
N ALA B 319 -33.21 2.04 16.13
CA ALA B 319 -33.13 2.95 14.99
C ALA B 319 -33.30 4.40 15.42
N ASP B 320 -34.21 4.65 16.36
CA ASP B 320 -34.47 6.02 16.79
C ASP B 320 -33.25 6.61 17.49
N ALA B 321 -32.69 5.89 18.45
CA ALA B 321 -31.54 6.40 19.18
C ALA B 321 -30.31 6.51 18.29
N VAL B 322 -30.09 5.52 17.42
CA VAL B 322 -28.93 5.57 16.53
C VAL B 322 -29.02 6.77 15.60
N ARG B 323 -30.19 6.98 14.99
CA ARG B 323 -30.36 8.14 14.11
C ARG B 323 -30.06 9.42 14.87
N SER B 324 -30.55 9.52 16.11
CA SER B 324 -30.31 10.71 16.92
C SER B 324 -28.84 10.87 17.25
N PHE B 325 -28.16 9.79 17.67
CA PHE B 325 -26.76 9.88 18.07
C PHE B 325 -25.89 10.31 16.90
N LEU B 326 -26.02 9.62 15.76
CA LEU B 326 -25.21 9.95 14.59
C LEU B 326 -25.49 11.36 14.08
N SER B 327 -26.73 11.82 14.19
CA SER B 327 -27.05 13.20 13.82
C SER B 327 -26.42 14.20 14.78
N GLY B 328 -26.38 13.87 16.07
CA GLY B 328 -25.71 14.71 17.04
C GLY B 328 -24.21 14.71 16.94
N GLN B 329 -23.63 13.71 16.27
CA GLN B 329 -22.20 13.65 16.01
C GLN B 329 -21.79 14.50 14.81
N GLY B 330 -22.75 15.05 14.07
CA GLY B 330 -22.47 15.92 12.94
C GLY B 330 -22.88 15.38 11.59
N GLU B 331 -23.48 14.19 11.53
CA GLU B 331 -23.85 13.57 10.28
C GLU B 331 -25.29 13.88 9.89
N THR B 332 -25.58 13.71 8.60
CA THR B 332 -26.93 13.81 8.06
C THR B 332 -27.44 12.39 7.86
N VAL B 333 -28.45 12.02 8.64
CA VAL B 333 -28.92 10.64 8.71
C VAL B 333 -30.28 10.54 8.06
N TYR B 334 -30.44 9.55 7.18
CA TYR B 334 -31.73 9.23 6.59
C TYR B 334 -32.16 7.85 7.06
N ARG B 335 -33.48 7.64 7.08
CA ARG B 335 -34.06 6.32 7.33
C ARG B 335 -34.38 5.77 5.95
N LEU B 336 -33.41 5.08 5.35
CA LEU B 336 -33.55 4.71 3.95
C LEU B 336 -34.64 3.66 3.75
N GLY B 337 -34.82 2.77 4.71
CA GLY B 337 -35.81 1.73 4.55
C GLY B 337 -35.66 0.61 5.56
N CYS B 338 -35.91 -0.62 5.12
CA CYS B 338 -35.90 -1.76 6.04
C CYS B 338 -35.46 -3.02 5.30
N ILE B 339 -35.24 -4.08 6.09
CA ILE B 339 -34.83 -5.38 5.60
C ILE B 339 -36.05 -6.29 5.55
N ARG B 340 -36.19 -7.03 4.46
CA ARG B 340 -37.31 -7.97 4.31
C ARG B 340 -36.81 -9.28 3.74
N GLU B 341 -37.66 -10.30 3.81
CA GLU B 341 -37.31 -11.62 3.32
C GLU B 341 -37.26 -11.65 1.79
N ARG B 342 -36.21 -12.26 1.26
CA ARG B 342 -36.00 -12.36 -0.19
C ARG B 342 -36.92 -13.43 -0.78
N GLN B 343 -37.34 -13.20 -2.02
CA GLN B 343 -38.22 -14.11 -2.77
C GLN B 343 -37.50 -14.55 -4.03
N GLY B 344 -36.81 -15.70 -3.96
CA GLY B 344 -36.17 -16.28 -5.12
C GLY B 344 -34.85 -15.65 -5.48
N ASN B 345 -34.58 -15.48 -6.79
CA ASN B 345 -33.39 -14.80 -7.27
C ASN B 345 -33.50 -13.28 -7.20
N GLU B 346 -34.47 -12.78 -6.43
CA GLU B 346 -34.70 -11.35 -6.22
C GLU B 346 -33.41 -10.58 -5.96
N HIS B 347 -33.29 -9.40 -6.56
CA HIS B 347 -32.14 -8.56 -6.27
C HIS B 347 -32.16 -8.11 -4.81
N GLN B 348 -30.99 -8.08 -4.18
CA GLN B 348 -30.94 -7.89 -2.74
C GLN B 348 -31.02 -6.42 -2.32
N THR B 349 -31.02 -5.48 -3.26
CA THR B 349 -31.24 -4.06 -2.94
C THR B 349 -32.04 -3.43 -4.06
N GLN B 350 -33.26 -3.00 -3.75
CA GLN B 350 -34.17 -2.41 -4.73
C GLN B 350 -34.61 -1.06 -4.19
N VAL B 351 -34.59 -0.03 -5.04
CA VAL B 351 -34.93 1.33 -4.64
C VAL B 351 -36.26 1.70 -5.28
N ALA B 352 -37.24 2.00 -4.44
CA ALA B 352 -38.57 2.37 -4.89
C ALA B 352 -39.33 3.05 -3.75
#